data_3TKK
#
_entry.id   3TKK
#
_cell.length_a   41.230
_cell.length_b   152.882
_cell.length_c   100.255
_cell.angle_alpha   90.00
_cell.angle_beta   99.49
_cell.angle_gamma   90.00
#
_symmetry.space_group_name_H-M   'P 1 21 1'
#
loop_
_entity.id
_entity.type
_entity.pdbx_description
1 polymer 'Predicted acetamidase/formamidase'
2 non-polymer 'CALCIUM ION'
3 non-polymer 'ZINC ION'
4 water water
#
_entity_poly.entity_id   1
_entity_poly.type   'polypeptide(L)'
_entity_poly.pdbx_seq_one_letter_code
;SHMKYSLSADHHIFAFSKENKPAISVKSGDELEVETMD(CSD)FSNQIQSNEDKLDEMDWNRVNPATGPIFVEGAKEGDV
LKVKIKKIEVAEKGVLATGKGLGVLGNLMEGLYSKVVDIKDGKVIFNEKLALPVKPMIGVIGVAPKEGSINCGTPGSHGG
NMDTTLIAEGAEVYFPVFVEGALLALGDLHALMGDGEVGVSGVEVAGKVLLEVEVIKGLNLKNPVVKTAEVTATIASAES
LDKAVEIAVHDMAELFKKHTDLSTEGIATLFSITGNAQISQVVDPLKTARFSLPNWILESYGIRF
;
_entity_poly.pdbx_strand_id   A,B,C,D
#
# COMPACT_ATOMS: atom_id res chain seq x y z
N SER A 1 2.90 -0.28 -55.80
CA SER A 1 4.25 -0.29 -55.11
C SER A 1 4.45 -1.39 -53.99
N HIS A 2 5.65 -1.96 -53.90
CA HIS A 2 5.94 -2.91 -52.84
C HIS A 2 7.35 -2.66 -52.39
N MET A 3 7.62 -1.42 -51.95
CA MET A 3 8.91 -1.21 -51.35
C MET A 3 8.79 -1.43 -49.86
N LYS A 4 9.90 -1.78 -49.18
CA LYS A 4 9.96 -1.77 -47.74
C LYS A 4 11.01 -0.82 -47.19
N TYR A 5 10.61 0.10 -46.33
CA TYR A 5 11.56 1.00 -45.71
C TYR A 5 11.62 0.83 -44.19
N SER A 6 12.72 1.24 -43.62
CA SER A 6 12.85 1.29 -42.16
C SER A 6 12.97 2.75 -41.73
N LEU A 7 12.22 3.18 -40.75
CA LEU A 7 12.19 4.56 -40.36
C LEU A 7 12.61 4.58 -38.87
N SER A 8 13.67 5.34 -38.57
CA SER A 8 14.22 5.31 -37.25
C SER A 8 13.61 6.43 -36.37
N ALA A 9 13.73 6.27 -35.05
CA ALA A 9 13.05 7.05 -34.11
C ALA A 9 13.60 8.46 -33.94
N ASP A 10 14.73 8.77 -34.60
CA ASP A 10 15.27 10.09 -34.67
C ASP A 10 14.40 10.95 -35.56
N HIS A 11 13.48 10.35 -36.34
CA HIS A 11 12.51 11.21 -37.04
C HIS A 11 11.22 11.22 -36.26
N HIS A 12 10.94 12.22 -35.45
CA HIS A 12 9.71 12.12 -34.67
C HIS A 12 9.12 13.53 -34.46
N ILE A 13 7.88 13.56 -33.97
CA ILE A 13 7.19 14.83 -33.74
C ILE A 13 6.55 14.81 -32.35
N PHE A 14 6.16 15.98 -31.86
CA PHE A 14 5.50 16.03 -30.57
C PHE A 14 4.02 16.44 -30.74
N ALA A 15 3.65 16.98 -31.90
CA ALA A 15 2.24 17.32 -32.11
C ALA A 15 1.90 16.93 -33.51
N PHE A 16 0.66 16.53 -33.79
CA PHE A 16 0.26 16.19 -35.21
C PHE A 16 -0.07 17.50 -35.90
N SER A 17 0.64 17.83 -36.98
CA SER A 17 0.42 19.17 -37.53
C SER A 17 0.68 19.07 -39.01
N LYS A 18 -0.11 19.79 -39.78
CA LYS A 18 0.07 19.78 -41.25
C LYS A 18 1.39 20.41 -41.64
N GLU A 19 1.99 21.13 -40.69
CA GLU A 19 3.23 21.92 -40.90
C GLU A 19 4.51 21.08 -40.75
N ASN A 20 4.44 19.93 -40.10
CA ASN A 20 5.65 19.10 -39.85
C ASN A 20 6.11 18.51 -41.22
N LYS A 21 7.35 18.70 -41.58
CA LYS A 21 7.84 18.15 -42.82
C LYS A 21 7.98 16.63 -42.76
N PRO A 22 7.67 15.95 -43.86
CA PRO A 22 7.68 14.50 -43.99
C PRO A 22 9.08 14.00 -43.74
N ALA A 23 9.15 12.93 -42.97
CA ALA A 23 10.47 12.30 -42.66
C ALA A 23 10.81 11.47 -43.87
N ILE A 24 9.77 11.04 -44.57
CA ILE A 24 9.99 10.13 -45.72
C ILE A 24 8.65 10.11 -46.51
N SER A 25 8.78 9.94 -47.81
CA SER A 25 7.67 9.70 -48.74
C SER A 25 7.65 8.25 -49.20
N VAL A 26 6.46 7.65 -49.16
CA VAL A 26 6.26 6.29 -49.60
C VAL A 26 4.99 6.33 -50.49
N LYS A 27 4.70 5.18 -51.11
CA LYS A 27 3.51 5.05 -51.95
C LYS A 27 2.53 4.05 -51.38
N SER A 28 1.34 4.07 -51.95
CA SER A 28 0.27 3.17 -51.42
C SER A 28 0.74 1.76 -51.67
N GLY A 29 0.71 0.95 -50.63
CA GLY A 29 1.11 -0.45 -50.74
C GLY A 29 2.47 -0.72 -50.13
N ASP A 30 3.20 0.35 -49.78
CA ASP A 30 4.62 0.18 -49.33
C ASP A 30 4.54 -0.22 -47.84
N GLU A 31 5.61 -0.87 -47.37
CA GLU A 31 5.69 -1.27 -46.00
C GLU A 31 6.72 -0.40 -45.29
N LEU A 32 6.59 -0.19 -43.99
CA LEU A 32 7.64 0.39 -43.16
C LEU A 32 7.83 -0.37 -41.85
N GLU A 33 9.08 -0.51 -41.38
CA GLU A 33 9.37 -0.86 -39.98
C GLU A 33 9.72 0.40 -39.29
N VAL A 34 8.87 0.74 -38.33
CA VAL A 34 8.89 2.02 -37.72
C VAL A 34 9.40 1.86 -36.27
N GLU A 35 10.57 2.46 -35.92
CA GLU A 35 11.07 2.44 -34.53
C GLU A 35 10.49 3.60 -33.71
N THR A 36 10.15 3.30 -32.45
CA THR A 36 9.57 4.31 -31.60
C THR A 36 10.39 4.43 -30.35
N MET A 37 10.32 5.56 -29.69
CA MET A 37 10.77 5.61 -28.32
C MET A 37 9.49 5.49 -27.43
N ASP A 38 9.68 5.19 -26.15
CA ASP A 38 8.48 5.14 -25.32
C ASP A 38 7.88 6.50 -25.23
N PHE A 40 7.84 8.28 -22.75
CA PHE A 40 8.77 9.22 -22.10
C PHE A 40 10.10 9.59 -22.84
N SER A 41 10.10 9.54 -24.17
CA SER A 41 11.34 9.58 -24.94
C SER A 41 12.43 8.74 -24.30
N ASN A 42 12.06 7.59 -23.69
CA ASN A 42 13.13 6.82 -23.02
C ASN A 42 13.86 7.54 -21.83
N GLN A 43 13.20 8.48 -21.12
CA GLN A 43 13.86 9.25 -20.06
C GLN A 43 13.93 8.52 -18.68
N ILE A 44 13.12 7.47 -18.52
CA ILE A 44 13.18 6.54 -17.37
C ILE A 44 13.63 5.17 -17.86
N GLN A 45 14.91 4.88 -17.62
CA GLN A 45 15.50 3.63 -18.04
C GLN A 45 15.78 2.76 -16.84
N SER A 46 15.75 3.37 -15.66
CA SER A 46 16.08 2.65 -14.45
C SER A 46 15.32 3.30 -13.30
N ASN A 47 15.20 2.59 -12.19
CA ASN A 47 14.68 3.19 -10.97
C ASN A 47 15.73 3.98 -10.22
N GLU A 48 15.67 3.83 -8.90
CA GLU A 48 16.47 4.66 -8.04
C GLU A 48 16.21 6.10 -8.54
N ASP A 49 17.25 6.70 -9.14
CA ASP A 49 17.31 8.14 -9.49
C ASP A 49 16.36 8.54 -10.64
N LYS A 50 16.02 7.60 -11.51
CA LYS A 50 15.14 7.91 -12.64
C LYS A 50 13.68 7.94 -12.21
N LEU A 51 13.25 9.16 -11.85
CA LEU A 51 11.87 9.46 -11.50
C LEU A 51 11.33 10.60 -12.35
N ASP A 52 9.99 10.71 -12.37
CA ASP A 52 9.28 11.76 -13.12
C ASP A 52 9.71 13.19 -12.72
N GLU A 53 10.85 13.61 -13.28
CA GLU A 53 11.33 14.99 -13.28
C GLU A 53 12.14 15.08 -14.56
N MET A 54 11.52 14.56 -15.63
CA MET A 54 12.11 14.46 -16.98
C MET A 54 11.86 15.76 -17.72
N ASP A 55 12.19 15.79 -19.02
CA ASP A 55 12.02 17.01 -19.84
C ASP A 55 10.56 17.36 -20.13
N TRP A 56 9.66 16.40 -19.98
CA TRP A 56 8.18 16.59 -20.04
C TRP A 56 7.55 17.14 -21.33
N ASN A 57 8.24 17.98 -22.09
CA ASN A 57 7.74 18.44 -23.38
C ASN A 57 8.22 17.47 -24.44
N ARG A 58 8.91 16.43 -23.94
CA ARG A 58 9.46 15.35 -24.73
C ARG A 58 8.66 14.08 -24.41
N VAL A 59 7.37 14.29 -24.15
CA VAL A 59 6.51 13.18 -23.88
C VAL A 59 5.74 12.87 -25.17
N ASN A 60 5.41 11.57 -25.39
CA ASN A 60 4.73 11.00 -26.59
C ASN A 60 5.37 11.27 -27.95
N PRO A 61 6.70 11.02 -28.11
CA PRO A 61 7.26 11.44 -29.38
C PRO A 61 6.69 10.44 -30.35
N ALA A 62 6.14 10.85 -31.45
CA ALA A 62 5.68 9.89 -32.44
C ALA A 62 6.67 9.81 -33.62
N THR A 63 6.98 8.62 -34.10
CA THR A 63 7.92 8.52 -35.18
C THR A 63 7.16 8.88 -36.48
N GLY A 64 7.82 9.64 -37.39
CA GLY A 64 7.14 10.19 -38.54
C GLY A 64 7.45 11.69 -38.70
N PRO A 65 6.69 12.38 -39.57
CA PRO A 65 5.54 11.82 -40.27
C PRO A 65 5.90 11.18 -41.60
N ILE A 66 5.10 10.23 -42.00
CA ILE A 66 5.25 9.59 -43.30
C ILE A 66 4.27 10.19 -44.31
N PHE A 67 4.80 10.72 -45.40
CA PHE A 67 3.96 11.24 -46.48
C PHE A 67 3.65 10.07 -47.37
N VAL A 68 2.35 9.87 -47.63
CA VAL A 68 1.93 8.74 -48.40
C VAL A 68 1.43 9.30 -49.72
N GLU A 69 2.15 9.04 -50.79
CA GLU A 69 1.75 9.55 -52.12
C GLU A 69 0.34 9.14 -52.53
N GLY A 70 -0.45 10.11 -53.02
CA GLY A 70 -1.80 9.80 -53.59
C GLY A 70 -2.86 10.11 -52.55
N ALA A 71 -2.46 10.25 -51.30
CA ALA A 71 -3.48 10.43 -50.31
C ALA A 71 -3.86 11.84 -50.42
N LYS A 72 -5.16 12.12 -50.58
CA LYS A 72 -5.63 13.46 -50.61
C LYS A 72 -6.69 13.77 -49.57
N GLU A 73 -6.88 15.03 -49.25
CA GLU A 73 -7.95 15.38 -48.34
C GLU A 73 -9.27 14.70 -48.69
N GLY A 74 -9.87 13.92 -47.77
CA GLY A 74 -11.19 13.31 -48.07
C GLY A 74 -11.02 11.82 -48.34
N ASP A 75 -9.79 11.35 -48.66
CA ASP A 75 -9.57 9.90 -48.79
C ASP A 75 -9.47 9.23 -47.45
N VAL A 76 -9.07 7.95 -47.43
CA VAL A 76 -8.99 7.38 -46.14
C VAL A 76 -7.63 6.70 -46.19
N LEU A 77 -6.85 6.76 -45.10
CA LEU A 77 -5.61 5.93 -45.11
C LEU A 77 -5.78 4.69 -44.31
N LYS A 78 -5.50 3.55 -44.93
CA LYS A 78 -5.53 2.26 -44.24
C LYS A 78 -4.11 1.81 -43.87
N VAL A 79 -3.94 1.43 -42.58
CA VAL A 79 -2.66 1.12 -42.01
C VAL A 79 -2.80 -0.29 -41.42
N LYS A 80 -2.16 -1.22 -42.04
CA LYS A 80 -2.20 -2.60 -41.56
C LYS A 80 -1.04 -2.78 -40.59
N ILE A 81 -1.36 -3.10 -39.31
CA ILE A 81 -0.35 -3.42 -38.27
C ILE A 81 0.02 -4.94 -38.39
N LYS A 82 1.21 -5.21 -38.88
CA LYS A 82 1.63 -6.61 -39.11
C LYS A 82 2.39 -7.15 -37.94
N LYS A 83 3.32 -6.41 -37.38
CA LYS A 83 4.06 -6.89 -36.23
C LYS A 83 4.37 -5.81 -35.27
N ILE A 84 4.39 -6.13 -33.99
CA ILE A 84 4.87 -5.12 -33.03
C ILE A 84 5.96 -5.79 -32.18
N GLU A 85 7.18 -5.27 -32.14
CA GLU A 85 8.13 -5.79 -31.16
C GLU A 85 8.40 -4.82 -30.08
N VAL A 86 8.49 -5.27 -28.83
CA VAL A 86 8.62 -4.32 -27.74
C VAL A 86 10.02 -4.57 -27.08
N ALA A 87 10.59 -3.51 -26.52
CA ALA A 87 11.84 -3.64 -25.77
C ALA A 87 11.73 -4.56 -24.56
N GLU A 88 12.88 -5.02 -24.04
CA GLU A 88 12.89 -5.97 -22.89
C GLU A 88 12.70 -5.31 -21.52
N LYS A 89 12.51 -4.02 -21.50
CA LYS A 89 12.03 -3.44 -20.25
C LYS A 89 10.94 -2.39 -20.52
N GLY A 90 10.11 -2.07 -19.52
CA GLY A 90 9.08 -1.02 -19.71
C GLY A 90 8.85 -0.26 -18.42
N VAL A 91 8.00 0.75 -18.45
CA VAL A 91 7.85 1.53 -17.24
C VAL A 91 6.38 1.66 -16.96
N LEU A 92 6.02 1.62 -15.66
CA LEU A 92 4.69 1.81 -15.19
C LEU A 92 4.79 3.12 -14.42
N ALA A 93 3.78 3.98 -14.58
CA ALA A 93 3.66 5.27 -13.89
C ALA A 93 2.30 5.50 -13.33
N THR A 94 2.25 6.10 -12.12
CA THR A 94 0.96 6.65 -11.67
C THR A 94 1.24 7.68 -10.60
N GLY A 95 0.24 8.11 -9.84
CA GLY A 95 0.56 9.05 -8.76
C GLY A 95 -0.51 10.05 -8.44
N LYS A 96 -0.23 11.01 -7.53
CA LYS A 96 -1.26 11.96 -7.15
C LYS A 96 -1.93 12.67 -8.36
N GLY A 97 -3.25 12.64 -8.40
CA GLY A 97 -3.97 13.34 -9.46
C GLY A 97 -3.78 12.62 -10.78
N LEU A 98 -3.26 11.41 -10.81
CA LEU A 98 -3.17 10.79 -12.15
C LEU A 98 -4.13 9.61 -12.30
N GLY A 99 -4.91 9.61 -13.39
CA GLY A 99 -5.87 8.55 -13.72
C GLY A 99 -7.00 8.50 -12.72
N VAL A 100 -7.70 7.37 -12.71
CA VAL A 100 -8.97 7.43 -11.98
C VAL A 100 -8.72 7.44 -10.45
N LEU A 101 -7.62 6.80 -10.00
CA LEU A 101 -7.41 6.64 -8.54
C LEU A 101 -6.41 7.76 -8.12
N GLY A 102 -6.24 8.78 -8.95
CA GLY A 102 -5.32 9.90 -8.59
C GLY A 102 -5.61 10.47 -7.18
N ASN A 103 -6.89 10.42 -6.78
CA ASN A 103 -7.28 11.13 -5.54
C ASN A 103 -6.85 10.25 -4.39
N LEU A 104 -6.25 9.09 -4.64
CA LEU A 104 -5.85 8.32 -3.45
C LEU A 104 -4.34 8.37 -3.13
N MET A 105 -3.53 8.99 -3.97
CA MET A 105 -2.10 8.82 -3.94
C MET A 105 -1.43 10.16 -3.68
N GLU A 106 -0.19 10.15 -3.20
CA GLU A 106 0.61 11.36 -2.91
C GLU A 106 1.92 11.25 -3.71
N GLY A 107 2.45 12.38 -4.19
CA GLY A 107 3.63 12.30 -5.04
C GLY A 107 3.47 11.54 -6.37
N LEU A 108 4.59 11.04 -6.91
CA LEU A 108 4.62 10.54 -8.25
C LEU A 108 5.31 9.15 -8.22
N TYR A 109 4.83 8.20 -9.02
CA TYR A 109 5.34 6.86 -8.89
C TYR A 109 5.77 6.44 -10.25
N SER A 110 6.89 5.72 -10.32
CA SER A 110 7.18 4.87 -11.51
C SER A 110 7.89 3.60 -11.10
N LYS A 111 7.75 2.55 -11.91
CA LYS A 111 8.41 1.32 -11.67
C LYS A 111 8.89 0.81 -13.00
N VAL A 112 10.17 0.47 -13.09
CA VAL A 112 10.67 -0.10 -14.34
C VAL A 112 10.52 -1.60 -14.18
N VAL A 113 9.95 -2.30 -15.16
CA VAL A 113 9.80 -3.76 -15.10
C VAL A 113 10.53 -4.45 -16.25
N ASP A 114 11.05 -5.64 -15.97
CA ASP A 114 11.58 -6.52 -16.99
C ASP A 114 10.44 -7.13 -17.79
N ILE A 115 10.68 -7.23 -19.09
CA ILE A 115 9.80 -7.97 -19.99
C ILE A 115 10.69 -9.13 -20.43
N LYS A 116 10.26 -10.34 -20.12
CA LYS A 116 11.01 -11.53 -20.48
C LYS A 116 10.16 -12.74 -20.76
N ASP A 117 10.63 -13.63 -21.66
CA ASP A 117 9.87 -14.87 -21.83
C ASP A 117 8.43 -14.51 -22.25
N GLY A 118 8.25 -13.40 -22.95
CA GLY A 118 6.90 -12.96 -23.35
C GLY A 118 5.99 -12.43 -22.26
N LYS A 119 6.56 -12.00 -21.14
CA LYS A 119 5.77 -11.55 -19.97
C LYS A 119 6.24 -10.27 -19.31
N VAL A 120 5.31 -9.37 -18.98
CA VAL A 120 5.60 -8.37 -18.05
C VAL A 120 5.81 -8.94 -16.64
N ILE A 121 7.03 -8.85 -16.11
CA ILE A 121 7.29 -9.24 -14.72
C ILE A 121 6.87 -8.06 -13.83
N PHE A 122 5.60 -8.04 -13.48
CA PHE A 122 4.99 -6.94 -12.68
C PHE A 122 5.58 -6.95 -11.27
N ASN A 123 5.72 -8.14 -10.68
CA ASN A 123 6.42 -8.19 -9.44
C ASN A 123 6.76 -9.62 -9.19
N GLU A 124 7.28 -9.89 -7.99
CA GLU A 124 7.73 -11.23 -7.68
C GLU A 124 6.55 -12.21 -7.86
N LYS A 125 5.32 -11.85 -7.55
CA LYS A 125 4.32 -12.91 -7.67
C LYS A 125 3.65 -13.01 -9.04
N LEU A 126 3.69 -11.97 -9.82
CA LEU A 126 2.79 -11.89 -10.92
C LEU A 126 3.54 -11.61 -12.23
N ALA A 127 3.37 -12.46 -13.23
CA ALA A 127 3.96 -12.20 -14.53
C ALA A 127 2.82 -12.14 -15.51
N LEU A 128 2.78 -11.16 -16.42
CA LEU A 128 1.56 -11.01 -17.22
C LEU A 128 1.91 -11.08 -18.67
N PRO A 129 1.25 -12.01 -19.39
CA PRO A 129 1.60 -12.26 -20.84
C PRO A 129 1.50 -10.96 -21.62
N VAL A 130 2.41 -10.69 -22.58
CA VAL A 130 2.37 -9.34 -23.23
C VAL A 130 1.19 -9.29 -24.18
N LYS A 131 0.64 -8.10 -24.39
CA LYS A 131 -0.39 -7.89 -25.45
C LYS A 131 -0.05 -6.55 -26.09
N PRO A 132 0.94 -6.55 -26.98
CA PRO A 132 1.47 -5.19 -27.44
C PRO A 132 0.50 -4.44 -28.27
N MET A 133 0.54 -3.11 -28.15
CA MET A 133 -0.45 -2.35 -28.86
C MET A 133 0.18 -0.95 -29.07
N ILE A 134 -0.45 -0.17 -29.91
CA ILE A 134 0.14 1.08 -30.27
C ILE A 134 -0.81 2.13 -29.65
N GLY A 135 -0.31 2.98 -28.75
CA GLY A 135 -1.18 3.95 -28.09
C GLY A 135 -1.45 5.23 -28.91
N VAL A 136 -0.42 5.73 -29.63
CA VAL A 136 -0.49 7.01 -30.36
C VAL A 136 -0.32 6.60 -31.86
N ILE A 137 -1.30 6.95 -32.68
CA ILE A 137 -1.12 6.71 -34.10
C ILE A 137 -2.16 7.56 -34.79
N GLY A 138 -1.73 8.30 -35.82
CA GLY A 138 -2.63 9.32 -36.42
C GLY A 138 -2.07 9.96 -37.65
N VAL A 139 -2.85 10.83 -38.26
CA VAL A 139 -2.42 11.65 -39.36
C VAL A 139 -2.61 13.12 -38.95
N ALA A 140 -2.17 14.04 -39.81
CA ALA A 140 -2.29 15.45 -39.47
C ALA A 140 -3.75 15.88 -39.55
N PRO A 141 -4.16 16.70 -38.57
CA PRO A 141 -5.43 17.34 -38.66
C PRO A 141 -5.52 18.36 -39.77
N LYS A 142 -6.77 18.73 -40.10
CA LYS A 142 -7.01 19.72 -41.15
C LYS A 142 -6.31 21.02 -40.80
N GLU A 143 -6.46 21.50 -39.59
CA GLU A 143 -5.92 22.84 -39.35
C GLU A 143 -4.92 22.95 -38.18
N GLY A 144 -5.37 23.36 -37.00
CA GLY A 144 -4.43 23.71 -35.90
C GLY A 144 -3.72 22.43 -35.44
N SER A 145 -2.43 22.58 -35.13
CA SER A 145 -1.65 21.62 -34.40
C SER A 145 -2.35 20.95 -33.17
N ILE A 146 -2.18 19.64 -33.04
CA ILE A 146 -2.70 18.93 -31.89
C ILE A 146 -1.63 18.07 -31.22
N ASN A 147 -1.24 18.48 -30.03
CA ASN A 147 -0.27 17.70 -29.26
C ASN A 147 -0.50 16.19 -29.24
N CYS A 148 0.59 15.41 -29.46
CA CYS A 148 0.67 13.95 -29.40
C CYS A 148 -0.11 13.23 -28.33
N GLY A 149 -0.25 13.86 -27.17
CA GLY A 149 -1.02 13.30 -26.03
C GLY A 149 -2.54 13.47 -26.14
N THR A 150 -3.03 14.14 -27.19
CA THR A 150 -4.51 14.36 -27.27
C THR A 150 -5.05 13.58 -28.47
N PRO A 151 -6.10 12.79 -28.30
CA PRO A 151 -6.76 12.22 -29.50
C PRO A 151 -7.75 13.06 -30.20
N GLY A 152 -7.97 12.82 -31.49
CA GLY A 152 -9.11 13.52 -32.18
C GLY A 152 -9.48 12.73 -33.40
N SER A 153 -10.21 13.38 -34.27
CA SER A 153 -10.65 12.68 -35.52
C SER A 153 -9.47 12.21 -36.39
N HIS A 154 -8.29 12.82 -36.17
CA HIS A 154 -7.06 12.47 -36.90
C HIS A 154 -6.37 11.30 -36.25
N GLY A 155 -6.86 10.82 -35.09
CA GLY A 155 -6.22 9.78 -34.35
C GLY A 155 -5.40 10.40 -33.25
N GLY A 156 -4.16 9.99 -33.08
CA GLY A 156 -3.31 10.54 -31.98
C GLY A 156 -3.37 9.60 -30.76
N ASN A 157 -3.55 10.12 -29.56
CA ASN A 157 -3.34 9.30 -28.32
C ASN A 157 -4.69 8.68 -27.94
N MET A 158 -5.05 7.71 -28.71
CA MET A 158 -6.32 7.02 -28.54
C MET A 158 -6.26 5.83 -27.54
N ASP A 159 -5.04 5.30 -27.22
CA ASP A 159 -4.81 4.23 -26.22
C ASP A 159 -5.90 3.21 -26.33
N THR A 160 -5.97 2.66 -27.54
CA THR A 160 -6.93 1.62 -27.87
C THR A 160 -6.33 0.22 -28.01
N THR A 161 -6.79 -0.78 -27.20
CA THR A 161 -6.12 -2.02 -27.05
C THR A 161 -6.30 -2.78 -28.34
N LEU A 162 -7.34 -2.47 -29.12
CA LEU A 162 -7.50 -3.18 -30.40
C LEU A 162 -6.29 -2.94 -31.43
N ILE A 163 -5.56 -1.79 -31.33
CA ILE A 163 -4.52 -1.50 -32.31
C ILE A 163 -3.31 -2.32 -31.99
N ALA A 164 -3.21 -3.50 -32.60
CA ALA A 164 -2.22 -4.57 -32.28
C ALA A 164 -1.97 -5.33 -33.55
N GLU A 165 -1.11 -6.36 -33.55
CA GLU A 165 -0.87 -7.07 -34.72
C GLU A 165 -2.16 -7.61 -35.22
N GLY A 166 -2.38 -7.66 -36.55
CA GLY A 166 -3.55 -8.34 -37.10
C GLY A 166 -4.58 -7.18 -37.36
N ALA A 167 -4.38 -6.04 -36.78
CA ALA A 167 -5.45 -5.01 -36.98
C ALA A 167 -5.17 -4.06 -38.13
N GLU A 168 -6.22 -3.36 -38.60
CA GLU A 168 -6.13 -2.35 -39.60
C GLU A 168 -6.80 -1.12 -39.04
N VAL A 169 -6.13 0.01 -39.04
CA VAL A 169 -6.76 1.26 -38.62
C VAL A 169 -7.00 2.18 -39.82
N TYR A 170 -8.19 2.80 -39.92
CA TYR A 170 -8.53 3.53 -41.07
C TYR A 170 -8.64 4.89 -40.60
N PHE A 171 -8.00 5.87 -41.26
CA PHE A 171 -8.07 7.22 -40.83
C PHE A 171 -8.61 8.11 -41.91
N PRO A 172 -9.51 8.99 -41.56
CA PRO A 172 -9.76 10.06 -42.52
C PRO A 172 -8.53 10.89 -42.81
N VAL A 173 -8.32 11.29 -44.08
CA VAL A 173 -7.20 12.14 -44.54
C VAL A 173 -7.63 13.61 -44.55
N PHE A 174 -6.90 14.44 -43.81
CA PHE A 174 -7.16 15.85 -43.73
C PHE A 174 -6.24 16.66 -44.63
N VAL A 175 -5.03 16.17 -44.91
CA VAL A 175 -4.06 16.90 -45.68
C VAL A 175 -3.38 15.99 -46.63
N GLU A 176 -2.94 16.61 -47.69
CA GLU A 176 -2.18 15.96 -48.74
C GLU A 176 -1.05 15.10 -48.15
N GLY A 177 -0.98 13.84 -48.57
CA GLY A 177 0.05 12.88 -48.18
C GLY A 177 -0.27 12.29 -46.76
N ALA A 178 -1.39 12.70 -46.15
CA ALA A 178 -1.92 12.27 -44.87
C ALA A 178 -0.98 12.63 -43.71
N LEU A 179 0.33 12.33 -43.79
CA LEU A 179 1.29 12.56 -42.66
C LEU A 179 1.02 11.65 -41.45
N LEU A 180 1.42 10.42 -41.62
CA LEU A 180 1.17 9.44 -40.57
C LEU A 180 2.28 9.46 -39.58
N ALA A 181 1.97 9.38 -38.28
CA ALA A 181 3.06 9.20 -37.26
C ALA A 181 2.49 8.28 -36.14
N LEU A 182 3.40 7.52 -35.54
CA LEU A 182 3.02 6.53 -34.46
C LEU A 182 4.03 6.47 -33.30
N GLY A 183 3.57 6.13 -32.13
CA GLY A 183 4.50 5.85 -31.09
C GLY A 183 3.73 5.30 -29.89
N ASP A 184 4.28 5.56 -28.70
CA ASP A 184 3.68 5.16 -27.41
C ASP A 184 3.24 3.78 -27.37
N LEU A 185 4.13 2.81 -27.71
CA LEU A 185 3.80 1.45 -27.60
C LEU A 185 3.64 1.01 -26.14
N HIS A 186 2.80 -0.05 -25.97
CA HIS A 186 2.55 -0.60 -24.60
C HIS A 186 2.73 -2.07 -24.75
N ALA A 187 3.51 -2.69 -23.87
CA ALA A 187 3.58 -4.15 -23.87
C ALA A 187 2.25 -4.83 -23.39
N LEU A 188 1.44 -4.07 -22.69
CA LEU A 188 0.19 -4.48 -22.03
C LEU A 188 -0.55 -3.24 -21.54
N MET A 189 -1.87 -3.24 -21.67
CA MET A 189 -2.68 -2.13 -21.10
C MET A 189 -4.12 -2.68 -21.06
N GLY A 190 -4.90 -2.33 -20.05
CA GLY A 190 -6.28 -2.61 -20.06
C GLY A 190 -7.15 -1.46 -20.49
N ASP A 191 -8.35 -1.81 -20.89
CA ASP A 191 -9.23 -0.79 -21.44
C ASP A 191 -9.51 0.18 -20.30
N GLY A 192 -9.51 1.45 -20.68
CA GLY A 192 -9.70 2.54 -19.63
C GLY A 192 -8.33 3.12 -19.12
N GLU A 193 -7.33 2.28 -19.07
CA GLU A 193 -5.93 2.72 -18.74
C GLU A 193 -5.95 3.44 -17.39
N VAL A 194 -6.60 2.84 -16.36
CA VAL A 194 -7.15 3.77 -15.25
C VAL A 194 -6.08 4.22 -14.26
N GLY A 195 -4.90 3.62 -14.31
CA GLY A 195 -3.79 4.09 -13.44
C GLY A 195 -3.05 5.29 -14.07
N VAL A 196 -3.38 5.58 -15.33
CA VAL A 196 -2.73 6.64 -16.16
C VAL A 196 -1.81 6.07 -17.27
N SER A 197 -1.22 4.91 -17.08
CA SER A 197 -0.29 4.50 -18.09
C SER A 197 -0.44 3.02 -18.39
N GLY A 198 0.21 2.65 -19.46
CA GLY A 198 0.36 1.25 -19.89
C GLY A 198 1.69 0.75 -19.39
N VAL A 199 2.08 -0.48 -19.73
CA VAL A 199 3.48 -0.86 -19.67
C VAL A 199 4.22 -0.15 -20.88
N GLU A 200 4.77 1.02 -20.58
CA GLU A 200 5.30 1.95 -21.57
C GLU A 200 6.64 1.40 -22.07
N VAL A 201 6.72 1.14 -23.35
CA VAL A 201 7.98 0.62 -23.84
C VAL A 201 8.38 1.21 -25.21
N ALA A 202 9.64 0.98 -25.62
CA ALA A 202 10.05 1.38 -26.98
C ALA A 202 9.85 0.13 -27.74
N GLY A 203 9.95 0.20 -29.07
CA GLY A 203 9.85 -0.94 -29.87
C GLY A 203 9.86 -0.63 -31.35
N LYS A 204 9.27 -1.51 -32.11
CA LYS A 204 9.36 -1.45 -33.58
C LYS A 204 8.04 -2.05 -34.16
N VAL A 205 7.43 -1.35 -35.13
CA VAL A 205 6.10 -1.73 -35.69
C VAL A 205 6.34 -1.98 -37.19
N LEU A 206 6.09 -3.23 -37.66
CA LEU A 206 5.93 -3.48 -39.11
C LEU A 206 4.54 -3.14 -39.60
N LEU A 207 4.40 -2.10 -40.43
CA LEU A 207 3.07 -1.74 -40.95
C LEU A 207 3.08 -1.56 -42.48
N GLU A 208 1.88 -1.49 -43.02
CA GLU A 208 1.77 -1.26 -44.45
C GLU A 208 0.73 -0.16 -44.61
N VAL A 209 0.87 0.70 -45.61
CA VAL A 209 -0.07 1.76 -45.81
C VAL A 209 -0.80 1.56 -47.13
N GLU A 210 -2.10 1.93 -47.17
CA GLU A 210 -2.88 2.00 -48.45
C GLU A 210 -3.80 3.22 -48.48
N VAL A 211 -3.84 3.89 -49.61
CA VAL A 211 -4.77 4.98 -49.78
C VAL A 211 -6.11 4.37 -50.28
N ILE A 212 -7.20 4.63 -49.57
CA ILE A 212 -8.55 4.24 -50.04
C ILE A 212 -9.28 5.44 -50.59
N LYS A 213 -9.83 5.30 -51.81
CA LYS A 213 -10.65 6.35 -52.46
C LYS A 213 -12.18 6.08 -52.40
N GLY A 214 -12.96 7.14 -52.40
CA GLY A 214 -14.40 6.96 -52.29
C GLY A 214 -15.00 6.39 -50.99
N LEU A 215 -14.31 6.54 -49.86
CA LEU A 215 -14.87 6.19 -48.56
C LEU A 215 -14.81 7.47 -47.74
N ASN A 216 -15.92 7.85 -47.11
CA ASN A 216 -15.95 9.02 -46.25
C ASN A 216 -15.89 8.57 -44.76
N LEU A 217 -14.85 8.89 -44.00
CA LEU A 217 -14.93 8.64 -42.55
C LEU A 217 -14.88 10.01 -41.82
N LYS A 218 -15.44 10.06 -40.61
CA LYS A 218 -15.31 11.30 -39.84
C LYS A 218 -14.33 11.13 -38.69
N ASN A 219 -13.98 9.90 -38.40
CA ASN A 219 -13.17 9.50 -37.23
C ASN A 219 -12.56 8.15 -37.53
N PRO A 220 -11.64 7.63 -36.69
CA PRO A 220 -10.92 6.47 -37.14
C PRO A 220 -11.77 5.29 -36.90
N VAL A 221 -11.36 4.23 -37.54
CA VAL A 221 -12.04 2.94 -37.38
C VAL A 221 -10.96 1.83 -37.27
N VAL A 222 -11.17 0.84 -36.43
CA VAL A 222 -10.16 -0.27 -36.33
C VAL A 222 -10.85 -1.50 -36.69
N LYS A 223 -10.17 -2.33 -37.48
CA LYS A 223 -10.82 -3.59 -37.82
C LYS A 223 -9.83 -4.68 -37.43
N THR A 224 -10.29 -5.71 -36.72
CA THR A 224 -9.40 -6.74 -36.28
C THR A 224 -9.91 -7.90 -37.04
N ALA A 225 -9.34 -9.05 -36.75
CA ALA A 225 -9.86 -10.30 -37.36
C ALA A 225 -11.35 -10.59 -37.07
N GLU A 226 -11.82 -10.07 -35.96
CA GLU A 226 -13.16 -10.36 -35.42
C GLU A 226 -14.20 -9.24 -35.44
N VAL A 227 -13.78 -7.96 -35.26
CA VAL A 227 -14.72 -6.88 -35.07
C VAL A 227 -14.18 -5.69 -35.79
N THR A 228 -15.10 -4.75 -35.96
CA THR A 228 -14.81 -3.52 -36.63
C THR A 228 -15.37 -2.47 -35.72
N ALA A 229 -14.58 -1.47 -35.31
CA ALA A 229 -15.16 -0.60 -34.27
C ALA A 229 -14.86 0.82 -34.63
N THR A 230 -15.82 1.76 -34.49
CA THR A 230 -15.52 3.13 -34.82
C THR A 230 -14.91 3.59 -33.56
N ILE A 231 -14.03 4.63 -33.62
CA ILE A 231 -13.36 5.16 -32.39
C ILE A 231 -13.69 6.66 -32.32
N ALA A 232 -13.98 7.23 -31.15
CA ALA A 232 -14.11 8.71 -31.11
C ALA A 232 -13.61 9.25 -29.78
N SER A 233 -13.29 10.60 -29.69
CA SER A 233 -12.83 11.14 -28.43
C SER A 233 -13.58 12.46 -28.21
N ALA A 234 -13.81 12.81 -26.95
CA ALA A 234 -14.50 14.00 -26.46
C ALA A 234 -14.17 14.18 -25.01
N GLU A 235 -14.67 15.31 -24.49
CA GLU A 235 -14.45 15.69 -23.15
C GLU A 235 -15.15 14.78 -22.16
N SER A 236 -16.17 14.02 -22.57
CA SER A 236 -16.71 12.95 -21.70
C SER A 236 -16.83 11.70 -22.42
N LEU A 237 -16.79 10.58 -21.70
CA LEU A 237 -17.05 9.26 -22.24
C LEU A 237 -18.44 9.14 -22.84
N ASP A 238 -19.41 9.88 -22.25
CA ASP A 238 -20.80 9.86 -22.68
C ASP A 238 -20.82 10.41 -24.15
N LYS A 239 -20.24 11.60 -24.40
CA LYS A 239 -20.20 12.13 -25.75
C LYS A 239 -19.35 11.14 -26.60
N ALA A 240 -18.22 10.66 -26.06
CA ALA A 240 -17.42 9.99 -27.01
C ALA A 240 -18.26 8.82 -27.50
N VAL A 241 -18.97 8.18 -26.61
CA VAL A 241 -19.70 6.96 -27.04
C VAL A 241 -20.78 7.36 -28.08
N GLU A 242 -21.44 8.49 -27.79
CA GLU A 242 -22.45 8.96 -28.71
C GLU A 242 -21.88 9.24 -30.14
N ILE A 243 -20.67 9.83 -30.23
CA ILE A 243 -20.10 10.09 -31.50
C ILE A 243 -19.79 8.74 -32.16
N ALA A 244 -19.10 7.87 -31.47
CA ALA A 244 -18.80 6.52 -32.04
C ALA A 244 -20.01 5.83 -32.63
N VAL A 245 -21.11 5.79 -31.90
CA VAL A 245 -22.33 5.16 -32.38
C VAL A 245 -22.89 5.84 -33.61
N HIS A 246 -22.98 7.18 -33.58
CA HIS A 246 -23.44 7.89 -34.74
C HIS A 246 -22.60 7.64 -35.98
N ASP A 247 -21.26 7.50 -35.83
CA ASP A 247 -20.40 7.39 -36.98
C ASP A 247 -20.67 5.99 -37.55
N MET A 248 -20.79 4.95 -36.70
CA MET A 248 -21.20 3.67 -37.16
C MET A 248 -22.60 3.65 -37.80
N ALA A 249 -23.56 4.43 -37.26
CA ALA A 249 -24.92 4.46 -37.82
C ALA A 249 -24.89 5.10 -39.25
N GLU A 250 -24.10 6.15 -39.40
CA GLU A 250 -23.92 6.73 -40.72
C GLU A 250 -23.25 5.75 -41.74
N LEU A 251 -22.24 4.97 -41.34
CA LEU A 251 -21.67 3.96 -42.24
C LEU A 251 -22.79 3.07 -42.68
N PHE A 252 -23.60 2.58 -41.76
CA PHE A 252 -24.75 1.70 -42.14
C PHE A 252 -25.78 2.41 -43.01
N LYS A 253 -26.09 3.64 -42.67
CA LYS A 253 -27.09 4.33 -43.44
C LYS A 253 -26.63 4.48 -44.91
N LYS A 254 -25.38 4.85 -45.07
CA LYS A 254 -24.87 5.21 -46.40
C LYS A 254 -24.43 4.03 -47.25
N HIS A 255 -24.40 2.82 -46.66
CA HIS A 255 -23.84 1.68 -47.35
C HIS A 255 -24.82 0.52 -47.26
N THR A 256 -26.02 0.81 -46.76
CA THR A 256 -27.10 -0.17 -46.73
C THR A 256 -28.48 0.48 -46.92
N ASP A 257 -29.53 -0.33 -47.02
CA ASP A 257 -30.87 0.18 -47.08
C ASP A 257 -31.59 -0.13 -45.76
N LEU A 258 -30.81 -0.42 -44.75
CA LEU A 258 -31.45 -0.66 -43.43
C LEU A 258 -32.03 0.67 -42.96
N SER A 259 -33.25 0.65 -42.46
CA SER A 259 -33.84 1.85 -41.89
C SER A 259 -33.09 2.25 -40.61
N THR A 260 -33.37 3.45 -40.11
CA THR A 260 -32.72 3.92 -38.92
C THR A 260 -33.08 3.00 -37.76
N GLU A 261 -34.33 2.51 -37.73
CA GLU A 261 -34.72 1.75 -36.55
C GLU A 261 -34.13 0.36 -36.67
N GLY A 262 -34.02 -0.14 -37.92
CA GLY A 262 -33.27 -1.37 -38.20
C GLY A 262 -31.81 -1.22 -37.65
N ILE A 263 -31.17 -0.11 -37.97
CA ILE A 263 -29.86 0.20 -37.51
C ILE A 263 -29.80 0.26 -35.98
N ALA A 264 -30.66 1.09 -35.36
CA ALA A 264 -30.62 1.30 -33.92
C ALA A 264 -30.88 0.00 -33.15
N THR A 265 -31.84 -0.78 -33.62
CA THR A 265 -32.18 -2.01 -32.86
C THR A 265 -31.13 -3.10 -33.08
N LEU A 266 -30.59 -3.16 -34.28
CA LEU A 266 -29.46 -4.06 -34.59
C LEU A 266 -28.21 -3.73 -33.70
N PHE A 267 -27.91 -2.42 -33.61
CA PHE A 267 -26.78 -1.97 -32.81
C PHE A 267 -27.03 -2.27 -31.32
N SER A 268 -28.29 -2.14 -30.91
CA SER A 268 -28.59 -2.33 -29.52
C SER A 268 -28.32 -3.78 -29.10
N ILE A 269 -28.45 -4.72 -30.02
CA ILE A 269 -28.36 -6.13 -29.65
C ILE A 269 -27.09 -6.87 -30.05
N THR A 270 -26.38 -6.28 -31.02
CA THR A 270 -25.21 -6.91 -31.48
C THR A 270 -23.99 -6.04 -31.55
N GLY A 271 -24.12 -4.76 -31.20
CA GLY A 271 -22.97 -3.92 -31.10
C GLY A 271 -22.62 -3.60 -29.64
N ASN A 272 -21.35 -3.26 -29.38
CA ASN A 272 -20.83 -3.15 -28.01
C ASN A 272 -20.16 -1.83 -27.87
N ALA A 273 -20.73 -0.95 -27.07
CA ALA A 273 -20.03 0.28 -26.78
C ALA A 273 -18.90 -0.08 -25.81
N GLN A 274 -17.68 0.48 -25.97
CA GLN A 274 -16.52 -0.06 -25.20
C GLN A 274 -15.70 1.19 -24.90
N ILE A 275 -14.80 1.04 -23.92
CA ILE A 275 -13.99 2.12 -23.48
C ILE A 275 -12.52 1.86 -23.85
N SER A 276 -11.90 2.93 -24.36
CA SER A 276 -10.43 2.89 -24.63
C SER A 276 -9.66 3.46 -23.55
N GLN A 277 -9.93 4.80 -23.16
CA GLN A 277 -9.18 5.33 -22.07
C GLN A 277 -9.96 6.43 -21.49
N VAL A 278 -9.83 6.55 -20.14
CA VAL A 278 -10.53 7.69 -19.46
C VAL A 278 -9.59 8.62 -18.78
N VAL A 279 -8.33 8.66 -19.16
CA VAL A 279 -7.49 9.40 -18.27
C VAL A 279 -6.76 10.51 -19.13
N ASP A 280 -6.90 10.50 -20.48
CA ASP A 280 -6.13 11.45 -21.30
C ASP A 280 -6.94 12.77 -21.34
N PRO A 281 -6.39 13.80 -22.01
CA PRO A 281 -7.09 15.09 -21.92
C PRO A 281 -8.53 14.97 -22.50
N LEU A 282 -8.75 14.07 -23.45
CA LEU A 282 -10.07 13.68 -23.82
C LEU A 282 -10.13 12.19 -23.58
N LYS A 283 -11.34 11.65 -23.37
CA LYS A 283 -11.58 10.11 -23.22
C LYS A 283 -11.93 9.58 -24.57
N THR A 284 -11.55 8.33 -24.77
CA THR A 284 -11.72 7.74 -26.03
C THR A 284 -12.61 6.48 -25.76
N ALA A 285 -13.61 6.30 -26.63
CA ALA A 285 -14.48 5.19 -26.59
C ALA A 285 -14.60 4.62 -27.94
N ARG A 286 -15.30 3.51 -27.99
CA ARG A 286 -15.49 2.90 -29.25
C ARG A 286 -16.80 2.22 -29.41
N PHE A 287 -17.23 1.98 -30.65
CA PHE A 287 -18.37 1.06 -30.86
C PHE A 287 -18.09 -0.08 -31.81
N SER A 288 -18.28 -1.33 -31.36
CA SER A 288 -17.71 -2.44 -32.07
C SER A 288 -18.83 -3.33 -32.54
N LEU A 289 -18.76 -3.83 -33.80
CA LEU A 289 -19.66 -4.86 -34.36
C LEU A 289 -18.83 -6.06 -34.87
N PRO A 290 -19.38 -7.24 -34.82
CA PRO A 290 -18.75 -8.38 -35.44
C PRO A 290 -18.56 -8.15 -36.91
N ASN A 291 -17.40 -8.50 -37.47
CA ASN A 291 -17.21 -8.36 -38.93
C ASN A 291 -18.25 -9.06 -39.79
N TRP A 292 -18.81 -10.19 -39.36
CA TRP A 292 -19.66 -10.90 -40.36
C TRP A 292 -21.01 -10.14 -40.57
N ILE A 293 -21.42 -9.38 -39.58
CA ILE A 293 -22.57 -8.48 -39.78
C ILE A 293 -22.28 -7.42 -40.84
N LEU A 294 -21.18 -6.68 -40.72
CA LEU A 294 -20.91 -5.73 -41.78
C LEU A 294 -20.80 -6.48 -43.11
N GLU A 295 -20.14 -7.61 -43.06
CA GLU A 295 -19.93 -8.43 -44.27
C GLU A 295 -21.27 -8.77 -44.90
N SER A 296 -22.24 -9.20 -44.11
CA SER A 296 -23.52 -9.54 -44.74
C SER A 296 -24.05 -8.38 -45.55
N TYR A 297 -23.88 -7.14 -45.06
CA TYR A 297 -24.47 -6.00 -45.78
C TYR A 297 -23.48 -5.43 -46.71
N GLY A 298 -22.50 -6.24 -47.08
CA GLY A 298 -21.58 -5.87 -48.14
C GLY A 298 -20.78 -4.62 -47.79
N ILE A 299 -20.62 -4.37 -46.47
CA ILE A 299 -19.80 -3.24 -46.00
C ILE A 299 -18.31 -3.59 -45.93
N ARG A 300 -17.53 -3.12 -46.90
CA ARG A 300 -16.07 -3.33 -46.85
C ARG A 300 -15.30 -2.11 -47.30
N PHE A 301 -14.51 -1.54 -46.39
CA PHE A 301 -13.81 -0.33 -46.74
C PHE A 301 -12.67 -0.67 -47.67
N SER B 1 39.84 -3.00 -6.55
CA SER B 1 41.14 -2.71 -5.83
C SER B 1 41.26 -3.50 -4.51
N HIS B 2 42.50 -3.57 -3.98
CA HIS B 2 42.93 -4.58 -3.01
C HIS B 2 44.06 -4.01 -2.14
N MET B 3 44.21 -2.71 -2.15
CA MET B 3 45.40 -2.14 -1.53
C MET B 3 45.13 -1.89 -0.05
N LYS B 4 46.19 -1.76 0.74
CA LYS B 4 46.02 -1.33 2.13
C LYS B 4 47.01 -0.22 2.52
N TYR B 5 46.53 0.78 3.25
CA TYR B 5 47.37 1.90 3.71
C TYR B 5 47.12 2.24 5.16
N SER B 6 48.13 2.78 5.84
CA SER B 6 47.89 3.38 7.16
C SER B 6 47.58 4.88 7.05
N LEU B 7 46.74 5.37 7.95
CA LEU B 7 46.53 6.79 8.08
C LEU B 7 46.63 7.26 9.55
N SER B 8 47.60 8.15 9.86
CA SER B 8 47.78 8.56 11.26
C SER B 8 46.90 9.71 11.79
N ALA B 9 46.75 9.74 13.11
CA ALA B 9 45.86 10.70 13.74
C ALA B 9 46.28 12.15 13.55
N ASP B 10 47.53 12.41 13.18
CA ASP B 10 47.92 13.82 12.95
C ASP B 10 47.20 14.47 11.72
N HIS B 11 46.51 13.66 10.92
CA HIS B 11 45.66 14.17 9.84
C HIS B 11 44.29 14.10 10.41
N HIS B 12 43.74 15.22 10.86
CA HIS B 12 42.40 15.10 11.47
C HIS B 12 41.67 16.33 11.09
N ILE B 13 40.36 16.32 11.33
CA ILE B 13 39.57 17.51 11.16
C ILE B 13 38.66 17.75 12.39
N PHE B 14 38.30 19.01 12.62
CA PHE B 14 37.38 19.26 13.69
C PHE B 14 35.99 19.53 13.16
N ALA B 15 35.84 19.64 11.84
CA ALA B 15 34.51 19.79 11.28
C ALA B 15 34.37 19.07 9.93
N PHE B 16 33.18 18.54 9.61
CA PHE B 16 33.01 17.87 8.34
C PHE B 16 32.63 18.93 7.31
N SER B 17 33.39 18.93 6.23
CA SER B 17 33.31 20.02 5.29
C SER B 17 33.92 19.60 3.97
N LYS B 18 33.34 20.08 2.87
CA LYS B 18 33.82 19.73 1.56
C LYS B 18 35.11 20.50 1.25
N GLU B 19 35.47 21.50 2.04
CA GLU B 19 36.73 22.17 1.73
C GLU B 19 37.95 21.54 2.43
N ASN B 20 37.73 20.65 3.41
CA ASN B 20 38.88 19.91 4.01
C ASN B 20 39.62 19.19 2.87
N LYS B 21 40.88 19.53 2.63
CA LYS B 21 41.67 18.77 1.65
C LYS B 21 41.91 17.32 2.10
N PRO B 22 41.92 16.39 1.15
CA PRO B 22 41.92 15.02 1.61
C PRO B 22 43.29 14.73 2.20
N ALA B 23 43.40 13.87 3.21
CA ALA B 23 44.73 13.48 3.72
C ALA B 23 45.36 12.36 2.92
N ILE B 24 44.52 11.64 2.21
CA ILE B 24 44.96 10.55 1.39
C ILE B 24 43.81 10.19 0.42
N SER B 25 44.16 9.60 -0.71
CA SER B 25 43.16 9.24 -1.67
C SER B 25 43.29 7.75 -1.90
N VAL B 26 42.16 7.03 -1.83
CA VAL B 26 42.12 5.57 -2.06
C VAL B 26 41.03 5.14 -3.07
N LYS B 27 40.96 3.85 -3.36
CA LYS B 27 40.00 3.33 -4.32
C LYS B 27 38.96 2.38 -3.73
N SER B 28 37.81 2.25 -4.39
CA SER B 28 36.78 1.35 -3.85
C SER B 28 37.35 -0.09 -3.72
N GLY B 29 37.16 -0.70 -2.55
CA GLY B 29 37.82 -1.95 -2.22
C GLY B 29 39.06 -1.84 -1.35
N ASP B 30 39.70 -0.66 -1.25
CA ASP B 30 40.93 -0.53 -0.43
C ASP B 30 40.59 -0.52 1.05
N GLU B 31 41.63 -0.69 1.87
CA GLU B 31 41.45 -0.72 3.29
C GLU B 31 42.34 0.35 3.84
N LEU B 32 42.00 0.82 5.04
CA LEU B 32 42.88 1.70 5.74
C LEU B 32 42.97 1.25 7.19
N GLU B 33 44.15 1.27 7.75
CA GLU B 33 44.26 1.23 9.18
C GLU B 33 44.27 2.67 9.63
N VAL B 34 43.22 3.03 10.38
CA VAL B 34 43.07 4.42 10.77
C VAL B 34 43.34 4.61 12.25
N GLU B 35 44.45 5.30 12.55
CA GLU B 35 44.77 5.68 13.92
C GLU B 35 43.97 6.91 14.38
N THR B 36 43.41 6.84 15.58
CA THR B 36 42.65 7.99 16.08
C THR B 36 43.15 8.52 17.42
N MET B 37 42.91 9.81 17.68
CA MET B 37 43.14 10.43 18.99
C MET B 37 41.81 10.26 19.77
N ASP B 38 41.85 10.23 21.11
CA ASP B 38 40.57 10.24 21.81
C ASP B 38 39.80 11.56 21.54
N PHE B 40 39.24 13.94 23.38
CA PHE B 40 39.88 15.19 23.88
C PHE B 40 41.31 15.44 23.33
N SER B 41 41.59 14.97 22.12
CA SER B 41 42.93 15.12 21.56
C SER B 41 44.00 14.63 22.55
N ASN B 42 43.70 13.55 23.27
CA ASN B 42 44.62 13.01 24.25
C ASN B 42 45.09 14.04 25.31
N GLN B 43 44.26 15.05 25.63
CA GLN B 43 44.66 16.19 26.50
C GLN B 43 44.59 15.84 27.99
N ILE B 44 43.74 14.88 28.45
CA ILE B 44 43.66 14.32 29.79
C ILE B 44 44.24 12.92 29.68
N GLN B 45 45.45 12.69 30.21
CA GLN B 45 46.08 11.36 30.14
C GLN B 45 46.29 10.71 31.52
N SER B 46 47.45 10.11 31.70
CA SER B 46 47.82 9.51 32.97
C SER B 46 46.71 9.92 33.91
N ASN B 47 46.20 11.13 33.60
CA ASN B 47 45.12 11.79 34.31
C ASN B 47 45.57 12.34 35.64
N GLU B 48 44.56 12.58 36.49
CA GLU B 48 44.64 13.01 37.89
C GLU B 48 44.87 14.54 37.84
N ASP B 49 46.10 14.97 37.59
CA ASP B 49 46.47 16.37 37.69
C ASP B 49 45.97 17.07 36.41
N LYS B 50 45.11 16.35 35.71
CA LYS B 50 44.57 16.93 34.45
C LYS B 50 43.03 17.06 34.34
N LEU B 51 42.48 18.10 34.98
CA LEU B 51 41.04 18.41 34.90
C LEU B 51 40.68 18.77 33.48
N ASP B 52 39.41 19.09 33.26
CA ASP B 52 38.94 19.47 31.94
C ASP B 52 39.29 20.92 31.67
N GLU B 53 40.58 21.21 31.82
CA GLU B 53 41.14 22.55 31.61
C GLU B 53 41.94 22.59 30.31
N MET B 54 41.51 21.80 29.32
CA MET B 54 42.23 21.72 28.05
C MET B 54 41.77 22.82 27.11
N ASP B 55 42.03 22.60 25.91
CA ASP B 55 41.84 23.54 24.79
C ASP B 55 40.46 23.51 24.13
N TRP B 56 39.63 22.54 24.49
CA TRP B 56 38.22 22.54 24.05
C TRP B 56 38.03 22.64 22.54
N ASN B 57 38.75 23.58 21.95
CA ASN B 57 38.71 23.79 20.52
C ASN B 57 39.29 22.57 19.80
N ARG B 58 39.79 21.63 20.59
CA ARG B 58 40.42 20.43 20.02
C ARG B 58 39.67 19.16 20.49
N VAL B 59 38.37 19.28 20.70
CA VAL B 59 37.52 18.12 21.00
C VAL B 59 36.93 17.49 19.73
N ASN B 60 36.90 16.15 19.71
CA ASN B 60 36.39 15.37 18.58
C ASN B 60 37.21 15.40 17.34
N PRO B 61 38.54 15.27 17.49
CA PRO B 61 39.32 15.27 16.27
C PRO B 61 38.93 14.06 15.45
N ALA B 62 38.66 14.20 14.16
CA ALA B 62 38.40 13.01 13.36
C ALA B 62 39.52 12.78 12.33
N THR B 63 40.09 11.59 12.32
CA THR B 63 41.17 11.32 11.40
C THR B 63 40.68 11.31 10.01
N GLY B 64 41.38 11.98 9.12
CA GLY B 64 40.87 12.09 7.78
C GLY B 64 41.20 13.46 7.31
N PRO B 65 40.57 13.88 6.17
CA PRO B 65 39.59 13.03 5.48
C PRO B 65 40.22 12.08 4.47
N ILE B 66 39.49 11.02 4.11
CA ILE B 66 39.85 10.08 3.04
C ILE B 66 38.97 10.32 1.82
N PHE B 67 39.61 10.54 0.69
CA PHE B 67 38.92 10.75 -0.55
C PHE B 67 38.87 9.40 -1.16
N VAL B 68 37.67 8.99 -1.59
CA VAL B 68 37.50 7.66 -2.20
C VAL B 68 37.22 7.77 -3.70
N GLU B 69 38.25 7.50 -4.49
CA GLU B 69 38.14 7.55 -5.95
C GLU B 69 36.86 6.88 -6.44
N GLY B 70 36.08 7.64 -7.21
CA GLY B 70 34.91 7.07 -7.85
C GLY B 70 33.66 7.46 -7.15
N ALA B 71 33.77 7.96 -5.92
CA ALA B 71 32.61 8.40 -5.17
C ALA B 71 31.99 9.69 -5.70
N LYS B 72 30.72 9.62 -6.04
CA LYS B 72 30.03 10.71 -6.72
C LYS B 72 28.87 11.14 -5.87
N GLU B 73 28.46 12.40 -5.97
CA GLU B 73 27.31 12.76 -5.18
C GLU B 73 26.06 12.01 -5.58
N GLY B 74 25.39 11.46 -4.57
CA GLY B 74 24.20 10.64 -4.80
C GLY B 74 24.55 9.15 -4.77
N ASP B 75 25.85 8.84 -4.79
CA ASP B 75 26.30 7.47 -4.48
C ASP B 75 26.09 7.12 -3.00
N VAL B 76 26.47 5.92 -2.61
CA VAL B 76 26.46 5.64 -1.16
C VAL B 76 27.83 5.06 -0.84
N LEU B 77 28.40 5.37 0.33
CA LEU B 77 29.72 4.87 0.61
C LEU B 77 29.51 3.80 1.64
N LYS B 78 29.92 2.59 1.34
CA LYS B 78 29.86 1.54 2.34
C LYS B 78 31.19 1.35 3.05
N VAL B 79 31.17 1.31 4.38
CA VAL B 79 32.42 1.33 5.13
C VAL B 79 32.40 0.11 6.06
N LYS B 80 33.20 -0.91 5.77
CA LYS B 80 33.18 -2.11 6.59
C LYS B 80 34.09 -1.93 7.78
N ILE B 81 33.57 -1.93 8.99
CA ILE B 81 34.35 -1.81 10.21
C ILE B 81 34.91 -3.19 10.52
N LYS B 82 36.19 -3.43 10.18
CA LYS B 82 36.79 -4.78 10.38
C LYS B 82 37.44 -5.10 11.75
N LYS B 83 38.26 -4.18 12.25
CA LYS B 83 38.90 -4.30 13.56
C LYS B 83 38.97 -2.94 14.29
N ILE B 84 38.70 -2.98 15.60
CA ILE B 84 39.00 -1.82 16.44
C ILE B 84 39.95 -2.19 17.54
N GLU B 85 41.07 -1.50 17.61
CA GLU B 85 42.04 -1.62 18.70
C GLU B 85 41.93 -0.42 19.63
N VAL B 86 42.00 -0.63 20.95
CA VAL B 86 41.85 0.48 21.84
C VAL B 86 43.10 0.56 22.72
N ALA B 87 43.46 1.77 23.10
CA ALA B 87 44.63 1.98 23.93
C ALA B 87 44.42 1.24 25.26
N GLU B 88 45.38 1.35 26.16
CA GLU B 88 45.33 0.57 27.39
C GLU B 88 44.85 1.34 28.61
N LYS B 89 44.49 2.58 28.40
CA LYS B 89 43.82 3.36 29.41
C LYS B 89 42.80 4.18 28.69
N GLY B 90 41.82 4.72 29.42
CA GLY B 90 40.74 5.56 28.78
C GLY B 90 40.30 6.65 29.73
N VAL B 91 39.46 7.53 29.25
CA VAL B 91 39.05 8.68 30.08
C VAL B 91 37.54 8.70 30.26
N LEU B 92 37.08 8.91 31.51
CA LEU B 92 35.63 9.06 31.76
C LEU B 92 35.35 10.52 32.05
N ALA B 93 34.25 11.06 31.57
CA ALA B 93 33.99 12.45 31.88
C ALA B 93 32.50 12.70 32.13
N THR B 94 32.22 13.71 32.95
CA THR B 94 30.87 14.11 33.16
C THR B 94 30.86 15.34 34.06
N GLY B 95 29.68 15.85 34.44
CA GLY B 95 29.68 17.00 35.39
C GLY B 95 28.47 17.89 35.22
N LYS B 96 28.48 19.01 35.92
CA LYS B 96 27.37 19.97 35.93
C LYS B 96 26.94 20.29 34.51
N GLY B 97 25.63 20.22 34.25
CA GLY B 97 25.09 20.62 32.98
C GLY B 97 25.31 19.60 31.87
N LEU B 98 25.98 18.47 32.17
CA LEU B 98 26.31 17.41 31.13
C LEU B 98 25.53 16.11 31.31
N GLY B 99 24.85 15.63 30.25
CA GLY B 99 24.24 14.29 30.22
C GLY B 99 22.97 14.40 30.97
N VAL B 100 22.28 13.29 31.18
CA VAL B 100 20.95 13.33 31.76
C VAL B 100 20.97 13.79 33.22
N LEU B 101 22.03 13.46 33.93
CA LEU B 101 22.06 13.73 35.36
C LEU B 101 22.92 14.95 35.62
N GLY B 102 23.04 15.86 34.65
CA GLY B 102 23.89 17.05 34.87
C GLY B 102 23.31 18.05 35.85
N ASN B 103 21.97 18.06 36.01
CA ASN B 103 21.31 18.91 37.02
C ASN B 103 21.72 18.57 38.44
N LEU B 104 22.41 17.43 38.64
CA LEU B 104 22.75 17.03 40.03
C LEU B 104 24.23 17.17 40.35
N MET B 105 25.04 17.67 39.45
CA MET B 105 26.43 17.83 39.80
C MET B 105 26.76 19.32 39.70
N GLU B 106 27.89 19.73 40.30
CA GLU B 106 28.32 21.15 40.31
C GLU B 106 29.64 21.46 39.50
N GLY B 107 30.56 20.49 39.44
CA GLY B 107 31.88 20.75 38.85
C GLY B 107 32.12 20.07 37.51
N LEU B 108 33.37 19.72 37.24
CA LEU B 108 33.72 18.94 36.06
C LEU B 108 34.52 17.76 36.48
N TYR B 109 34.19 16.60 35.95
CA TYR B 109 34.78 15.38 36.47
C TYR B 109 35.49 14.68 35.34
N SER B 110 36.73 14.28 35.56
CA SER B 110 37.38 13.48 34.56
C SER B 110 38.06 12.38 35.32
N LYS B 111 38.11 11.17 34.78
CA LYS B 111 38.86 10.12 35.49
C LYS B 111 39.59 9.21 34.51
N VAL B 112 40.88 9.00 34.71
CA VAL B 112 41.55 8.05 33.86
C VAL B 112 41.38 6.68 34.47
N VAL B 113 41.09 5.72 33.63
CA VAL B 113 40.75 4.39 34.07
C VAL B 113 41.61 3.36 33.30
N ASP B 114 42.12 2.36 33.98
CA ASP B 114 42.86 1.34 33.25
C ASP B 114 42.02 0.35 32.44
N ILE B 115 42.59 -0.14 31.33
CA ILE B 115 42.03 -1.28 30.60
C ILE B 115 42.98 -2.46 30.56
N LYS B 116 42.74 -3.46 31.39
CA LYS B 116 43.64 -4.61 31.46
C LYS B 116 42.98 -5.89 30.95
N ASP B 117 43.72 -6.65 30.13
CA ASP B 117 43.18 -7.89 29.56
C ASP B 117 41.77 -7.70 28.98
N GLY B 118 41.44 -6.51 28.50
CA GLY B 118 40.16 -6.30 27.76
C GLY B 118 38.92 -6.01 28.62
N LYS B 119 39.17 -5.62 29.86
CA LYS B 119 38.16 -5.07 30.73
C LYS B 119 38.57 -3.65 31.17
N VAL B 120 37.56 -2.78 31.27
CA VAL B 120 37.71 -1.45 31.87
C VAL B 120 37.61 -1.57 33.43
N ILE B 121 38.71 -1.34 34.12
CA ILE B 121 38.70 -1.39 35.57
C ILE B 121 38.01 -0.14 36.11
N PHE B 122 36.70 -0.21 36.29
CA PHE B 122 35.93 0.92 36.79
C PHE B 122 36.14 1.09 38.30
N ASN B 123 36.24 -0.03 39.01
CA ASN B 123 36.69 -0.06 40.42
C ASN B 123 37.44 -1.40 40.75
N GLU B 124 38.13 -1.51 41.87
CA GLU B 124 38.99 -2.69 42.06
C GLU B 124 38.17 -3.98 42.23
N LYS B 125 36.84 -3.86 42.14
CA LYS B 125 35.94 -5.03 42.17
C LYS B 125 35.19 -5.20 40.84
N LEU B 126 35.22 -4.17 40.00
CA LEU B 126 34.33 -4.11 38.85
C LEU B 126 35.12 -3.92 37.52
N ALA B 127 35.38 -5.02 36.84
CA ALA B 127 36.10 -4.99 35.60
C ALA B 127 35.12 -5.21 34.42
N LEU B 128 34.87 -4.20 33.61
CA LEU B 128 33.85 -4.33 32.54
C LEU B 128 34.49 -4.65 31.17
N PRO B 129 34.20 -5.83 30.65
CA PRO B 129 34.70 -6.21 29.31
C PRO B 129 34.39 -5.13 28.25
N VAL B 130 35.36 -4.85 27.38
CA VAL B 130 35.20 -3.80 26.39
C VAL B 130 34.25 -4.18 25.25
N LYS B 131 33.57 -3.16 24.70
CA LYS B 131 32.77 -3.27 23.51
C LYS B 131 33.09 -2.09 22.65
N PRO B 132 34.21 -2.17 21.89
CA PRO B 132 34.77 -1.06 21.15
C PRO B 132 33.81 -0.57 20.07
N MET B 133 33.75 0.73 19.87
CA MET B 133 32.85 1.33 18.85
C MET B 133 33.42 2.65 18.37
N ILE B 134 32.84 3.25 17.35
CA ILE B 134 33.36 4.47 16.79
C ILE B 134 32.25 5.46 17.00
N GLY B 135 32.52 6.49 17.79
CA GLY B 135 31.51 7.48 18.08
C GLY B 135 31.35 8.50 16.98
N VAL B 136 32.44 8.84 16.30
CA VAL B 136 32.34 9.85 15.26
C VAL B 136 32.73 9.28 13.91
N ILE B 137 31.83 9.29 12.91
CA ILE B 137 32.24 8.78 11.60
C ILE B 137 31.28 9.37 10.58
N GLY B 138 31.79 9.99 9.51
CA GLY B 138 30.89 10.59 8.55
C GLY B 138 31.60 10.97 7.26
N VAL B 139 30.88 11.64 6.36
CA VAL B 139 31.42 12.15 5.11
C VAL B 139 31.12 13.64 5.09
N ALA B 140 31.73 14.37 4.18
CA ALA B 140 31.47 15.78 4.10
C ALA B 140 29.99 15.99 3.71
N PRO B 141 29.25 16.86 4.40
CA PRO B 141 27.92 17.29 3.89
C PRO B 141 28.08 18.16 2.67
N LYS B 142 26.98 18.39 1.98
CA LYS B 142 27.02 19.07 0.69
C LYS B 142 27.46 20.54 0.77
N GLU B 143 26.84 21.30 1.66
CA GLU B 143 27.23 22.69 1.82
C GLU B 143 27.61 23.01 3.25
N GLY B 144 28.38 24.08 3.41
CA GLY B 144 28.74 24.58 4.72
C GLY B 144 29.60 23.55 5.42
N SER B 145 29.73 23.70 6.73
CA SER B 145 30.60 22.83 7.53
C SER B 145 29.99 22.57 8.91
N ILE B 146 30.01 21.30 9.36
CA ILE B 146 29.46 21.00 10.66
C ILE B 146 30.48 20.36 11.58
N ASN B 147 30.74 21.09 12.68
CA ASN B 147 31.52 20.59 13.81
C ASN B 147 31.43 19.08 13.99
N CYS B 148 32.58 18.41 14.11
CA CYS B 148 32.62 16.93 14.31
C CYS B 148 31.77 16.45 15.45
N GLY B 149 31.44 17.36 16.37
CA GLY B 149 30.55 17.09 17.47
C GLY B 149 29.04 17.20 17.23
N THR B 150 28.64 17.32 15.97
CA THR B 150 27.21 17.41 15.64
C THR B 150 26.85 16.35 14.59
N PRO B 151 25.82 15.54 14.84
CA PRO B 151 25.42 14.51 13.85
C PRO B 151 24.44 15.05 12.79
N GLY B 152 24.43 14.42 11.62
CA GLY B 152 23.51 14.79 10.58
C GLY B 152 23.38 13.68 9.58
N SER B 153 22.84 14.00 8.41
CA SER B 153 22.65 13.01 7.35
C SER B 153 23.98 12.51 6.82
N HIS B 154 25.05 13.27 7.04
CA HIS B 154 26.33 12.85 6.53
C HIS B 154 27.04 12.01 7.60
N GLY B 155 26.42 11.83 8.75
CA GLY B 155 27.00 11.06 9.87
C GLY B 155 27.54 12.05 10.87
N GLY B 156 28.80 11.84 11.33
CA GLY B 156 29.39 12.68 12.34
C GLY B 156 29.24 12.06 13.74
N ASN B 157 28.92 12.89 14.72
CA ASN B 157 28.90 12.46 16.12
C ASN B 157 27.63 11.68 16.47
N MET B 158 27.50 10.48 15.92
CA MET B 158 26.31 9.64 16.06
C MET B 158 26.32 8.81 17.33
N ASP B 159 27.49 8.63 17.92
CA ASP B 159 27.61 7.78 19.11
C ASP B 159 26.72 6.52 19.14
N THR B 160 26.84 5.65 18.16
CA THR B 160 25.96 4.57 18.18
C THR B 160 26.73 3.28 18.35
N THR B 161 26.37 2.55 19.41
CA THR B 161 26.96 1.27 19.75
C THR B 161 27.06 0.23 18.66
N LEU B 162 26.14 0.26 17.68
CA LEU B 162 26.15 -0.75 16.57
C LEU B 162 27.43 -0.66 15.68
N ILE B 163 28.10 0.48 15.74
CA ILE B 163 29.23 0.72 14.79
C ILE B 163 30.49 0.17 15.41
N ALA B 164 30.78 -1.09 15.13
CA ALA B 164 31.78 -1.81 15.90
C ALA B 164 32.25 -2.89 14.99
N GLU B 165 33.22 -3.69 15.41
CA GLU B 165 33.67 -4.79 14.55
C GLU B 165 32.54 -5.57 13.96
N GLY B 166 32.54 -5.81 12.65
CA GLY B 166 31.54 -6.66 12.00
C GLY B 166 30.40 -5.85 11.40
N ALA B 167 30.39 -4.56 11.67
CA ALA B 167 29.34 -3.68 11.13
C ALA B 167 29.79 -3.04 9.82
N GLU B 168 28.83 -2.72 8.99
CA GLU B 168 29.02 -2.01 7.76
C GLU B 168 28.19 -0.77 7.93
N VAL B 169 28.77 0.41 7.68
CA VAL B 169 28.05 1.68 7.80
C VAL B 169 27.92 2.31 6.40
N TYR B 170 26.75 2.75 6.04
CA TYR B 170 26.46 3.21 4.68
C TYR B 170 26.15 4.68 4.81
N PHE B 171 26.80 5.53 4.02
CA PHE B 171 26.55 6.98 4.04
C PHE B 171 26.09 7.46 2.66
N PRO B 172 25.08 8.35 2.61
CA PRO B 172 24.86 8.99 1.34
C PRO B 172 26.13 9.79 1.04
N VAL B 173 26.50 9.83 -0.22
CA VAL B 173 27.64 10.63 -0.58
C VAL B 173 27.25 12.06 -1.05
N PHE B 174 27.89 13.09 -0.51
CA PHE B 174 27.45 14.43 -0.84
C PHE B 174 28.36 15.21 -1.73
N VAL B 175 29.65 14.90 -1.70
CA VAL B 175 30.57 15.57 -2.55
C VAL B 175 31.49 14.54 -3.16
N GLU B 176 32.21 14.92 -4.19
CA GLU B 176 33.07 14.04 -4.91
C GLU B 176 34.18 13.50 -3.96
N GLY B 177 34.43 12.19 -4.07
CA GLY B 177 35.35 11.49 -3.20
C GLY B 177 34.79 11.19 -1.80
N ALA B 178 33.56 11.63 -1.50
CA ALA B 178 32.92 11.52 -0.17
C ALA B 178 33.63 12.21 1.03
N LEU B 179 34.95 12.03 1.15
CA LEU B 179 35.70 12.62 2.25
C LEU B 179 35.28 11.98 3.61
N LEU B 180 35.67 10.73 3.80
CA LEU B 180 35.38 10.00 5.05
C LEU B 180 36.34 10.40 6.18
N ALA B 181 35.81 10.62 7.39
CA ALA B 181 36.67 10.82 8.54
C ALA B 181 36.06 10.09 9.77
N LEU B 182 36.89 9.74 10.78
CA LEU B 182 36.38 8.99 11.94
C LEU B 182 37.30 9.18 13.17
N GLY B 183 36.73 9.12 14.36
CA GLY B 183 37.51 9.22 15.56
C GLY B 183 36.50 9.03 16.69
N ASP B 184 36.72 9.65 17.84
CA ASP B 184 35.94 9.49 19.02
C ASP B 184 35.61 8.03 19.38
N LEU B 185 36.63 7.18 19.41
CA LEU B 185 36.44 5.79 19.78
C LEU B 185 36.08 5.68 21.27
N HIS B 186 35.24 4.70 21.59
CA HIS B 186 34.95 4.34 22.95
C HIS B 186 35.32 2.88 23.13
N ALA B 187 35.95 2.55 24.28
CA ALA B 187 36.16 1.17 24.69
C ALA B 187 34.84 0.53 25.15
N LEU B 188 33.91 1.39 25.56
CA LEU B 188 32.62 0.93 26.08
C LEU B 188 31.73 2.15 26.18
N MET B 189 30.47 1.96 25.75
CA MET B 189 29.44 3.02 25.83
C MET B 189 28.10 2.35 25.90
N GLY B 190 27.20 2.81 26.78
CA GLY B 190 25.82 2.37 26.79
C GLY B 190 24.96 3.25 25.89
N ASP B 191 23.86 2.69 25.37
CA ASP B 191 22.93 3.51 24.49
C ASP B 191 22.43 4.73 25.31
N GLY B 192 22.38 5.90 24.72
CA GLY B 192 21.94 7.09 25.45
C GLY B 192 23.19 7.86 25.83
N GLU B 193 24.27 7.13 26.08
CA GLU B 193 25.53 7.78 26.63
C GLU B 193 25.15 8.78 27.73
N VAL B 194 24.41 8.38 28.75
CA VAL B 194 23.71 9.37 29.59
C VAL B 194 24.54 10.26 30.59
N GLY B 195 25.80 9.90 30.83
CA GLY B 195 26.70 10.76 31.64
C GLY B 195 27.47 11.82 30.82
N VAL B 196 27.24 11.76 29.50
CA VAL B 196 27.85 12.55 28.44
C VAL B 196 29.03 11.90 27.77
N SER B 197 29.64 10.88 28.39
CA SER B 197 30.80 10.29 27.68
C SER B 197 30.81 8.79 27.63
N GLY B 198 31.67 8.20 26.83
CA GLY B 198 31.95 6.78 26.98
C GLY B 198 33.29 6.65 27.71
N VAL B 199 33.89 5.45 27.61
CA VAL B 199 35.29 5.27 27.91
C VAL B 199 36.10 5.75 26.71
N GLU B 200 36.62 6.98 26.82
CA GLU B 200 37.18 7.69 25.66
C GLU B 200 38.60 7.19 25.47
N VAL B 201 38.89 6.69 24.28
CA VAL B 201 40.22 6.13 24.06
C VAL B 201 40.74 6.55 22.70
N ALA B 202 42.05 6.50 22.62
CA ALA B 202 42.76 6.46 21.41
C ALA B 202 42.74 5.04 20.86
N GLY B 203 42.94 4.93 19.56
CA GLY B 203 43.13 3.59 19.02
C GLY B 203 43.37 3.50 17.53
N LYS B 204 42.97 2.33 16.96
CA LYS B 204 43.14 2.10 15.51
C LYS B 204 42.09 1.19 14.89
N VAL B 205 41.59 1.59 13.73
CA VAL B 205 40.45 0.95 13.11
C VAL B 205 40.89 0.39 11.78
N LEU B 206 40.76 -0.93 11.61
CA LEU B 206 40.95 -1.48 10.25
C LEU B 206 39.61 -1.43 9.55
N LEU B 207 39.48 -0.65 8.47
CA LEU B 207 38.23 -0.55 7.75
C LEU B 207 38.47 -0.71 6.27
N GLU B 208 37.38 -1.01 5.56
CA GLU B 208 37.42 -1.11 4.11
C GLU B 208 36.34 -0.13 3.58
N VAL B 209 36.59 0.57 2.46
CA VAL B 209 35.59 1.45 1.86
C VAL B 209 35.17 0.92 0.50
N GLU B 210 33.91 1.15 0.11
CA GLU B 210 33.40 0.74 -1.18
C GLU B 210 32.37 1.72 -1.69
N VAL B 211 32.42 2.02 -2.98
CA VAL B 211 31.41 2.92 -3.53
C VAL B 211 30.23 2.13 -4.10
N ILE B 212 29.00 2.39 -3.67
CA ILE B 212 27.79 1.69 -4.18
C ILE B 212 27.05 2.61 -5.12
N LYS B 213 26.83 2.19 -6.36
CA LYS B 213 26.04 3.00 -7.30
C LYS B 213 24.58 2.56 -7.22
N GLY B 214 23.68 3.42 -7.62
CA GLY B 214 22.30 2.99 -7.72
C GLY B 214 21.52 2.72 -6.44
N LEU B 215 21.94 3.30 -5.31
CA LEU B 215 21.18 3.22 -4.06
C LEU B 215 21.04 4.66 -3.53
N ASN B 216 19.86 5.05 -3.08
CA ASN B 216 19.65 6.44 -2.66
C ASN B 216 19.45 6.34 -1.15
N LEU B 217 20.31 6.91 -0.31
CA LEU B 217 20.06 6.94 1.16
C LEU B 217 19.81 8.42 1.50
N LYS B 218 19.01 8.71 2.51
CA LYS B 218 18.83 10.10 2.94
C LYS B 218 19.54 10.31 4.29
N ASN B 219 19.99 9.23 4.92
CA ASN B 219 20.62 9.25 6.27
C ASN B 219 21.43 7.98 6.34
N PRO B 220 22.33 7.88 7.33
CA PRO B 220 23.14 6.73 7.44
C PRO B 220 22.36 5.45 7.80
N VAL B 221 22.94 4.31 7.47
CA VAL B 221 22.39 3.01 7.81
C VAL B 221 23.54 2.13 8.39
N VAL B 222 23.24 1.34 9.41
CA VAL B 222 24.26 0.46 9.91
C VAL B 222 23.75 -0.96 9.83
N LYS B 223 24.57 -1.88 9.37
CA LYS B 223 24.06 -3.23 9.19
C LYS B 223 24.99 -4.10 9.95
N THR B 224 24.51 -4.81 10.97
CA THR B 224 25.37 -5.77 11.63
C THR B 224 25.18 -7.16 11.02
N ALA B 225 25.71 -8.18 11.69
CA ALA B 225 25.52 -9.55 11.25
C ALA B 225 24.02 -9.91 11.33
N GLU B 226 23.30 -9.24 12.22
CA GLU B 226 21.90 -9.62 12.51
C GLU B 226 20.85 -8.62 12.10
N VAL B 227 21.17 -7.35 12.19
CA VAL B 227 20.18 -6.32 11.99
C VAL B 227 20.67 -5.23 10.98
N THR B 228 19.72 -4.47 10.43
CA THR B 228 20.04 -3.26 9.64
C THR B 228 19.25 -2.11 10.28
N ALA B 229 19.92 -0.99 10.57
CA ALA B 229 19.19 0.02 11.26
C ALA B 229 19.37 1.35 10.56
N THR B 230 18.27 2.03 10.32
CA THR B 230 18.35 3.37 9.79
C THR B 230 18.72 4.26 10.97
N ILE B 231 19.62 5.21 10.76
CA ILE B 231 20.03 6.17 11.78
C ILE B 231 19.57 7.59 11.47
N ALA B 232 19.16 8.29 12.51
CA ALA B 232 18.78 9.67 12.26
C ALA B 232 19.03 10.55 13.47
N SER B 233 19.19 11.84 13.26
CA SER B 233 19.46 12.77 14.34
C SER B 233 18.46 13.94 14.29
N ALA B 234 18.00 14.45 15.43
CA ALA B 234 17.09 15.63 15.40
C ALA B 234 17.08 16.36 16.73
N GLU B 235 16.29 17.42 16.83
CA GLU B 235 16.29 18.27 18.02
C GLU B 235 15.73 17.50 19.23
N SER B 236 14.87 16.52 18.99
CA SER B 236 14.31 15.72 20.09
C SER B 236 14.41 14.26 19.69
N LEU B 237 14.42 13.40 20.69
CA LEU B 237 14.35 12.00 20.41
C LEU B 237 13.09 11.66 19.66
N ASP B 238 11.97 12.19 20.08
CA ASP B 238 10.72 11.98 19.36
C ASP B 238 10.92 12.15 17.86
N LYS B 239 11.53 13.23 17.46
CA LYS B 239 11.61 13.54 16.04
C LYS B 239 12.64 12.61 15.35
N ALA B 240 13.66 12.17 16.08
CA ALA B 240 14.73 11.39 15.45
C ALA B 240 14.22 9.99 15.16
N VAL B 241 13.51 9.46 16.12
CA VAL B 241 12.80 8.19 15.85
C VAL B 241 11.89 8.31 14.60
N GLU B 242 11.02 9.31 14.57
CA GLU B 242 10.13 9.45 13.39
C GLU B 242 10.90 9.41 12.05
N ILE B 243 12.07 10.06 12.03
CA ILE B 243 12.82 10.24 10.81
C ILE B 243 13.37 8.84 10.45
N ALA B 244 14.04 8.22 11.40
CA ALA B 244 14.57 6.88 11.10
C ALA B 244 13.47 5.93 10.65
N VAL B 245 12.28 6.01 11.25
CA VAL B 245 11.19 5.14 10.82
C VAL B 245 10.73 5.49 9.39
N HIS B 246 10.53 6.79 9.09
CA HIS B 246 10.12 7.16 7.74
C HIS B 246 11.18 6.76 6.74
N ASP B 247 12.47 6.77 7.15
CA ASP B 247 13.54 6.37 6.23
C ASP B 247 13.47 4.91 5.89
N MET B 248 13.27 4.09 6.92
CA MET B 248 13.09 2.64 6.71
C MET B 248 11.88 2.35 5.77
N ALA B 249 10.78 3.03 6.03
CA ALA B 249 9.53 2.82 5.32
C ALA B 249 9.76 3.16 3.83
N GLU B 250 10.50 4.24 3.60
CA GLU B 250 10.83 4.70 2.23
C GLU B 250 11.58 3.59 1.50
N LEU B 251 12.37 2.85 2.23
CA LEU B 251 13.13 1.73 1.61
C LEU B 251 12.16 0.66 1.15
N PHE B 252 11.16 0.41 1.98
CA PHE B 252 10.21 -0.62 1.56
C PHE B 252 9.34 -0.07 0.46
N LYS B 253 9.01 1.21 0.57
CA LYS B 253 8.17 1.70 -0.51
C LYS B 253 8.87 1.61 -1.89
N LYS B 254 10.19 1.68 -1.92
CA LYS B 254 10.87 1.86 -3.16
C LYS B 254 11.35 0.50 -3.68
N HIS B 255 11.35 -0.55 -2.87
CA HIS B 255 11.76 -1.89 -3.31
C HIS B 255 10.72 -3.01 -3.15
N THR B 256 9.54 -2.70 -2.63
CA THR B 256 8.52 -3.71 -2.55
C THR B 256 7.22 -3.12 -3.09
N ASP B 257 6.20 -3.94 -3.29
CA ASP B 257 4.82 -3.53 -3.55
C ASP B 257 3.88 -3.53 -2.29
N LEU B 258 4.49 -3.53 -1.10
CA LEU B 258 3.80 -3.62 0.19
C LEU B 258 3.07 -2.33 0.51
N SER B 259 1.77 -2.44 0.83
CA SER B 259 1.02 -1.23 1.20
C SER B 259 1.64 -0.55 2.42
N THR B 260 1.33 0.72 2.60
CA THR B 260 1.80 1.42 3.77
C THR B 260 1.32 0.71 5.08
N GLU B 261 0.11 0.11 5.06
CA GLU B 261 -0.44 -0.55 6.23
C GLU B 261 0.39 -1.81 6.51
N GLY B 262 0.74 -2.56 5.46
CA GLY B 262 1.67 -3.67 5.56
C GLY B 262 3.00 -3.29 6.23
N ILE B 263 3.57 -2.18 5.74
CA ILE B 263 4.85 -1.70 6.25
C ILE B 263 4.72 -1.34 7.75
N ALA B 264 3.72 -0.53 8.06
CA ALA B 264 3.53 -0.03 9.40
C ALA B 264 3.33 -1.19 10.41
N THR B 265 2.55 -2.22 10.06
CA THR B 265 2.26 -3.32 10.98
C THR B 265 3.48 -4.29 11.05
N LEU B 266 4.12 -4.56 9.90
CA LEU B 266 5.47 -5.18 9.90
C LEU B 266 6.46 -4.50 10.88
N PHE B 267 6.53 -3.17 10.82
CA PHE B 267 7.49 -2.39 11.54
C PHE B 267 7.13 -2.52 13.01
N SER B 268 5.84 -2.58 13.24
CA SER B 268 5.31 -2.54 14.59
C SER B 268 5.64 -3.82 15.38
N ILE B 269 5.76 -4.92 14.67
CA ILE B 269 5.90 -6.21 15.32
C ILE B 269 7.31 -6.73 15.22
N THR B 270 8.11 -6.30 14.21
CA THR B 270 9.46 -6.85 14.09
C THR B 270 10.55 -5.81 14.07
N GLY B 271 10.24 -4.54 13.93
CA GLY B 271 11.30 -3.51 14.03
C GLY B 271 11.38 -2.89 15.44
N ASN B 272 12.52 -2.31 15.75
CA ASN B 272 12.79 -1.80 17.08
C ASN B 272 13.30 -0.39 17.03
N ALA B 273 12.55 0.51 17.60
CA ALA B 273 13.11 1.85 17.75
C ALA B 273 14.08 1.79 18.95
N GLN B 274 15.25 2.41 18.79
CA GLN B 274 16.32 2.34 19.81
C GLN B 274 16.95 3.70 19.91
N ILE B 275 17.70 3.94 20.99
CA ILE B 275 18.33 5.23 21.18
C ILE B 275 19.87 5.16 21.01
N SER B 276 20.48 6.04 20.23
CA SER B 276 21.95 6.09 20.25
C SER B 276 22.51 6.99 21.28
N GLN B 277 22.14 8.27 21.24
CA GLN B 277 22.58 9.10 22.36
C GLN B 277 21.67 10.23 22.60
N VAL B 278 21.59 10.70 23.85
CA VAL B 278 20.64 11.75 24.12
C VAL B 278 21.27 13.04 24.62
N VAL B 279 22.59 13.18 24.48
CA VAL B 279 23.32 14.20 25.17
C VAL B 279 24.02 15.19 24.22
N ASP B 280 23.76 15.15 22.93
CA ASP B 280 24.48 16.05 22.04
C ASP B 280 23.63 17.21 21.58
N PRO B 281 24.23 18.08 20.72
CA PRO B 281 23.41 19.20 20.25
C PRO B 281 22.06 18.63 19.73
N LEU B 282 22.14 17.64 18.83
CA LEU B 282 20.97 16.85 18.41
C LEU B 282 21.01 15.45 19.07
N LYS B 283 19.85 14.80 19.13
CA LYS B 283 19.75 13.45 19.69
C LYS B 283 19.81 12.49 18.51
N THR B 284 20.31 11.29 18.77
CA THR B 284 20.42 10.34 17.69
C THR B 284 19.60 9.14 18.06
N ALA B 285 18.81 8.60 17.13
CA ALA B 285 18.01 7.41 17.37
C ALA B 285 18.16 6.48 16.18
N ARG B 286 17.62 5.27 16.30
CA ARG B 286 17.62 4.41 15.12
C ARG B 286 16.40 3.52 15.04
N PHE B 287 16.23 2.86 13.89
CA PHE B 287 15.17 1.89 13.76
C PHE B 287 15.77 0.69 13.06
N SER B 288 15.63 -0.45 13.73
CA SER B 288 16.34 -1.67 13.42
C SER B 288 15.35 -2.79 13.00
N LEU B 289 15.59 -3.38 11.85
CA LEU B 289 14.92 -4.63 11.49
C LEU B 289 15.88 -5.82 11.32
N PRO B 290 15.38 -7.05 11.46
CA PRO B 290 16.27 -8.23 11.24
C PRO B 290 16.63 -8.31 9.77
N ASN B 291 17.89 -8.61 9.45
CA ASN B 291 18.28 -8.63 8.08
C ASN B 291 17.43 -9.61 7.35
N TRP B 292 17.00 -10.67 8.01
CA TRP B 292 16.38 -11.73 7.19
C TRP B 292 14.98 -11.24 6.79
N ILE B 293 14.41 -10.35 7.58
CA ILE B 293 13.15 -9.78 7.13
C ILE B 293 13.38 -9.00 5.84
N LEU B 294 14.38 -8.14 5.83
CA LEU B 294 14.67 -7.28 4.67
C LEU B 294 15.01 -8.12 3.46
N GLU B 295 15.71 -9.21 3.73
CA GLU B 295 16.09 -10.16 2.69
C GLU B 295 14.82 -10.89 2.08
N SER B 296 13.79 -11.22 2.86
CA SER B 296 12.63 -11.85 2.20
C SER B 296 11.91 -10.84 1.32
N TYR B 297 12.05 -9.54 1.59
CA TYR B 297 11.44 -8.59 0.66
C TYR B 297 12.47 -8.11 -0.35
N GLY B 298 13.56 -8.87 -0.47
CA GLY B 298 14.56 -8.52 -1.48
C GLY B 298 15.25 -7.18 -1.24
N ILE B 299 15.34 -6.73 0.01
CA ILE B 299 15.99 -5.44 0.27
C ILE B 299 17.42 -5.76 0.73
N ARG B 300 18.38 -5.22 0.02
CA ARG B 300 19.74 -5.74 0.07
C ARG B 300 20.75 -4.62 0.22
N PHE B 301 21.59 -4.75 1.26
CA PHE B 301 22.73 -3.84 1.47
C PHE B 301 24.05 -4.60 1.28
N SER C 1 -29.51 -25.36 4.08
CA SER C 1 -30.90 -25.56 3.51
C SER C 1 -30.86 -25.93 2.00
N HIS C 2 -31.67 -26.93 1.64
CA HIS C 2 -31.73 -27.31 0.26
C HIS C 2 -33.18 -27.40 -0.17
N MET C 3 -34.04 -26.29 -0.11
CA MET C 3 -35.33 -26.43 -0.77
C MET C 3 -35.33 -25.77 -2.14
N LYS C 4 -36.30 -26.17 -2.97
CA LYS C 4 -36.50 -25.53 -4.25
C LYS C 4 -38.00 -25.13 -4.43
N TYR C 5 -38.27 -23.85 -4.75
CA TYR C 5 -39.62 -23.37 -5.02
C TYR C 5 -39.64 -22.81 -6.42
N SER C 6 -40.85 -22.69 -6.99
CA SER C 6 -41.07 -21.96 -8.20
C SER C 6 -41.88 -20.77 -7.82
N LEU C 7 -41.53 -19.61 -8.37
CA LEU C 7 -42.28 -18.39 -8.09
C LEU C 7 -42.81 -17.94 -9.44
N SER C 8 -44.12 -17.81 -9.61
CA SER C 8 -44.57 -17.38 -10.90
C SER C 8 -44.61 -15.85 -11.05
N ALA C 9 -44.72 -15.41 -12.29
CA ALA C 9 -44.55 -14.01 -12.62
C ALA C 9 -45.76 -13.24 -12.18
N ASP C 10 -46.77 -13.94 -11.75
CA ASP C 10 -47.90 -13.26 -11.09
C ASP C 10 -47.53 -12.57 -9.75
N HIS C 11 -46.40 -12.96 -9.18
CA HIS C 11 -45.92 -12.16 -8.04
C HIS C 11 -44.91 -11.12 -8.50
N HIS C 12 -45.26 -9.85 -8.62
CA HIS C 12 -44.24 -8.97 -9.17
C HIS C 12 -44.38 -7.55 -8.68
N ILE C 13 -43.31 -6.76 -8.87
CA ILE C 13 -43.24 -5.39 -8.44
C ILE C 13 -42.73 -4.52 -9.61
N PHE C 14 -42.87 -3.22 -9.40
CA PHE C 14 -42.51 -2.22 -10.38
C PHE C 14 -41.47 -1.26 -9.83
N ALA C 15 -41.37 -1.09 -8.50
CA ALA C 15 -40.36 -0.18 -7.90
C ALA C 15 -39.65 -0.92 -6.74
N PHE C 16 -38.32 -0.91 -6.64
CA PHE C 16 -37.66 -1.66 -5.52
C PHE C 16 -37.82 -0.89 -4.25
N SER C 17 -38.45 -1.52 -3.25
CA SER C 17 -38.83 -0.76 -2.05
C SER C 17 -38.72 -1.63 -0.79
N LYS C 18 -38.17 -1.08 0.28
CA LYS C 18 -38.30 -1.79 1.55
C LYS C 18 -39.78 -2.13 1.96
N GLU C 19 -40.78 -1.40 1.43
CA GLU C 19 -42.19 -1.61 1.82
C GLU C 19 -42.96 -2.69 1.08
N ASN C 20 -42.41 -3.22 0.00
CA ASN C 20 -43.06 -4.30 -0.77
C ASN C 20 -43.03 -5.53 0.11
N LYS C 21 -44.19 -6.11 0.36
CA LYS C 21 -44.31 -7.31 1.20
C LYS C 21 -43.75 -8.51 0.41
N PRO C 22 -43.09 -9.47 1.07
CA PRO C 22 -42.44 -10.51 0.26
C PRO C 22 -43.43 -11.49 -0.44
N ALA C 23 -43.09 -11.87 -1.65
CA ALA C 23 -43.88 -12.81 -2.40
C ALA C 23 -43.71 -14.22 -1.75
N ILE C 24 -42.53 -14.49 -1.17
CA ILE C 24 -42.21 -15.78 -0.61
C ILE C 24 -40.96 -15.70 0.30
N SER C 25 -40.85 -16.51 1.31
CA SER C 25 -39.64 -16.48 2.10
C SER C 25 -38.91 -17.78 1.82
N VAL C 26 -37.61 -17.71 1.70
CA VAL C 26 -36.79 -18.91 1.52
C VAL C 26 -35.59 -18.78 2.52
N LYS C 27 -34.74 -19.80 2.55
CA LYS C 27 -33.50 -19.76 3.40
C LYS C 27 -32.21 -19.69 2.61
N SER C 28 -31.13 -19.18 3.22
CA SER C 28 -29.82 -19.26 2.55
C SER C 28 -29.57 -20.68 2.00
N GLY C 29 -29.27 -20.81 0.73
CA GLY C 29 -28.94 -22.15 0.17
C GLY C 29 -30.09 -22.68 -0.66
N ASP C 30 -31.24 -22.04 -0.52
CA ASP C 30 -32.43 -22.50 -1.30
C ASP C 30 -32.33 -22.10 -2.78
N GLU C 31 -33.09 -22.80 -3.63
CA GLU C 31 -33.19 -22.53 -5.04
C GLU C 31 -34.57 -22.02 -5.38
N LEU C 32 -34.65 -21.25 -6.46
CA LEU C 32 -35.93 -20.78 -6.97
C LEU C 32 -35.87 -20.78 -8.49
N GLU C 33 -36.92 -21.27 -9.12
CA GLU C 33 -37.13 -21.10 -10.53
C GLU C 33 -38.10 -19.93 -10.59
N VAL C 34 -37.61 -18.80 -11.08
CA VAL C 34 -38.37 -17.58 -11.14
C VAL C 34 -38.81 -17.36 -12.60
N GLU C 35 -40.12 -17.25 -12.80
CA GLU C 35 -40.72 -16.93 -14.06
C GLU C 35 -40.86 -15.41 -14.20
N THR C 36 -40.60 -14.87 -15.40
CA THR C 36 -40.64 -13.39 -15.57
C THR C 36 -41.53 -13.00 -16.72
N MET C 37 -42.17 -11.83 -16.64
CA MET C 37 -42.70 -11.13 -17.81
C MET C 37 -41.61 -10.34 -18.53
N ASP C 38 -41.74 -10.17 -19.86
CA ASP C 38 -40.77 -9.32 -20.50
C ASP C 38 -40.98 -7.89 -20.00
N PHE C 40 -42.08 -5.34 -21.13
CA PHE C 40 -43.42 -4.74 -21.42
C PHE C 40 -44.66 -5.45 -20.75
N SER C 41 -44.41 -6.31 -19.77
CA SER C 41 -45.46 -7.20 -19.28
C SER C 41 -46.18 -7.92 -20.40
N ASN C 42 -45.44 -8.35 -21.41
CA ASN C 42 -46.02 -9.19 -22.47
C ASN C 42 -47.12 -8.47 -23.29
N GLN C 43 -47.29 -7.16 -23.11
CA GLN C 43 -48.28 -6.37 -23.89
C GLN C 43 -48.08 -6.39 -25.42
N ILE C 44 -46.83 -6.45 -25.85
CA ILE C 44 -46.54 -6.54 -27.27
C ILE C 44 -46.25 -7.96 -27.74
N GLN C 45 -47.21 -8.61 -28.38
CA GLN C 45 -46.93 -9.94 -28.90
C GLN C 45 -47.58 -10.14 -30.21
N SER C 46 -48.83 -9.69 -30.29
CA SER C 46 -49.61 -9.78 -31.54
C SER C 46 -48.87 -9.04 -32.66
N ASN C 47 -47.72 -8.42 -32.34
CA ASN C 47 -46.77 -8.01 -33.38
C ASN C 47 -47.36 -6.93 -34.30
N GLU C 48 -48.65 -7.06 -34.57
CA GLU C 48 -49.35 -6.20 -35.50
C GLU C 48 -49.64 -4.85 -34.89
N ASP C 49 -50.91 -4.70 -34.53
CA ASP C 49 -51.47 -3.50 -33.94
C ASP C 49 -51.01 -3.41 -32.51
N LYS C 50 -49.99 -4.20 -32.21
CA LYS C 50 -49.27 -4.10 -30.98
C LYS C 50 -48.31 -2.93 -31.17
N LEU C 51 -48.84 -1.73 -30.99
CA LEU C 51 -48.03 -0.51 -31.00
C LEU C 51 -47.63 -0.26 -29.56
N ASP C 52 -46.52 0.44 -29.34
CA ASP C 52 -46.15 0.84 -27.99
C ASP C 52 -47.08 1.91 -27.40
N GLU C 53 -48.40 1.70 -27.49
CA GLU C 53 -49.37 2.58 -26.78
C GLU C 53 -49.90 1.83 -25.55
N MET C 54 -49.06 0.92 -25.09
CA MET C 54 -49.22 0.21 -23.84
C MET C 54 -49.65 1.09 -22.68
N ASP C 55 -49.84 0.43 -21.55
CA ASP C 55 -50.01 1.04 -20.24
C ASP C 55 -48.78 1.89 -19.77
N TRP C 56 -47.56 1.41 -20.00
CA TRP C 56 -46.32 2.15 -19.65
C TRP C 56 -46.04 2.20 -18.13
N ASN C 57 -47.08 2.23 -17.33
CA ASN C 57 -46.93 2.05 -15.87
C ASN C 57 -46.61 0.59 -15.58
N ARG C 58 -46.81 -0.26 -16.59
CA ARG C 58 -46.60 -1.72 -16.45
C ARG C 58 -45.28 -2.18 -17.13
N VAL C 59 -44.27 -1.33 -17.08
CA VAL C 59 -43.03 -1.68 -17.68
C VAL C 59 -42.03 -2.08 -16.57
N ASN C 60 -41.11 -2.99 -16.92
CA ASN C 60 -40.14 -3.58 -16.02
C ASN C 60 -40.67 -4.34 -14.83
N PRO C 61 -41.69 -5.22 -15.02
CA PRO C 61 -42.13 -5.96 -13.84
C PRO C 61 -41.00 -6.84 -13.36
N ALA C 62 -40.66 -6.72 -12.09
CA ALA C 62 -39.72 -7.68 -11.56
C ALA C 62 -40.43 -8.71 -10.64
N THR C 63 -40.23 -10.00 -10.93
CA THR C 63 -40.84 -11.05 -10.12
C THR C 63 -40.21 -11.11 -8.75
N GLY C 64 -41.01 -11.24 -7.69
CA GLY C 64 -40.50 -11.06 -6.32
C GLY C 64 -41.48 -10.14 -5.59
N PRO C 65 -41.06 -9.59 -4.45
CA PRO C 65 -39.70 -9.82 -3.93
C PRO C 65 -39.51 -11.13 -3.12
N ILE C 66 -38.31 -11.70 -3.14
CA ILE C 66 -38.04 -12.86 -2.33
C ILE C 66 -37.37 -12.40 -1.04
N PHE C 67 -37.94 -12.83 0.09
CA PHE C 67 -37.36 -12.57 1.41
C PHE C 67 -36.41 -13.73 1.74
N VAL C 68 -35.14 -13.41 1.97
CA VAL C 68 -34.15 -14.44 2.30
C VAL C 68 -33.82 -14.41 3.84
N GLU C 69 -34.24 -15.42 4.60
CA GLU C 69 -34.01 -15.42 6.04
C GLU C 69 -32.54 -15.39 6.36
N GLY C 70 -32.16 -14.60 7.36
CA GLY C 70 -30.76 -14.50 7.77
C GLY C 70 -30.15 -13.27 7.12
N ALA C 71 -30.68 -12.79 5.99
CA ALA C 71 -30.07 -11.63 5.38
C ALA C 71 -30.36 -10.41 6.28
N LYS C 72 -29.30 -9.75 6.75
CA LYS C 72 -29.45 -8.46 7.42
C LYS C 72 -28.67 -7.28 6.77
N GLU C 73 -29.12 -6.06 7.02
CA GLU C 73 -28.43 -4.87 6.52
C GLU C 73 -26.95 -4.99 6.85
N GLY C 74 -26.14 -4.85 5.81
CA GLY C 74 -24.68 -4.85 5.92
C GLY C 74 -24.16 -6.22 5.43
N ASP C 75 -25.04 -7.22 5.30
CA ASP C 75 -24.57 -8.54 4.75
C ASP C 75 -24.45 -8.50 3.22
N VAL C 76 -24.07 -9.60 2.59
CA VAL C 76 -24.18 -9.60 1.17
C VAL C 76 -25.10 -10.73 0.78
N LEU C 77 -25.90 -10.50 -0.27
CA LEU C 77 -26.66 -11.58 -0.80
C LEU C 77 -25.94 -12.06 -2.08
N LYS C 78 -25.68 -13.34 -2.16
CA LYS C 78 -25.06 -13.90 -3.33
C LYS C 78 -26.12 -14.68 -4.12
N VAL C 79 -26.24 -14.31 -5.38
CA VAL C 79 -27.23 -14.96 -6.24
C VAL C 79 -26.55 -15.67 -7.37
N LYS C 80 -26.66 -17.00 -7.40
CA LYS C 80 -26.01 -17.81 -8.43
C LYS C 80 -27.05 -18.01 -9.54
N ILE C 81 -26.72 -17.59 -10.79
CA ILE C 81 -27.63 -17.75 -11.91
C ILE C 81 -27.26 -19.08 -12.53
N LYS C 82 -28.07 -20.11 -12.31
CA LYS C 82 -27.75 -21.43 -12.92
C LYS C 82 -28.33 -21.68 -14.33
N LYS C 83 -29.54 -21.22 -14.55
CA LYS C 83 -30.21 -21.51 -15.86
C LYS C 83 -31.07 -20.32 -16.28
N ILE C 84 -30.97 -19.90 -17.55
CA ILE C 84 -31.91 -18.89 -18.10
C ILE C 84 -32.55 -19.57 -19.27
N GLU C 85 -33.88 -19.73 -19.22
CA GLU C 85 -34.61 -20.13 -20.41
C GLU C 85 -35.41 -18.97 -20.90
N VAL C 86 -35.52 -18.85 -22.22
CA VAL C 86 -36.24 -17.74 -22.83
C VAL C 86 -37.33 -18.18 -23.76
N ALA C 87 -38.32 -17.31 -23.95
CA ALA C 87 -39.45 -17.68 -24.79
C ALA C 87 -39.07 -17.75 -26.27
N GLU C 88 -39.97 -18.23 -27.10
CA GLU C 88 -39.58 -18.49 -28.48
C GLU C 88 -39.76 -17.26 -29.35
N LYS C 89 -40.04 -16.12 -28.72
CA LYS C 89 -40.05 -14.88 -29.49
C LYS C 89 -39.73 -13.71 -28.61
N GLY C 90 -39.22 -12.63 -29.23
CA GLY C 90 -38.96 -11.42 -28.43
C GLY C 90 -39.40 -10.13 -29.11
N VAL C 91 -39.11 -9.02 -28.50
CA VAL C 91 -39.56 -7.74 -29.03
C VAL C 91 -38.42 -6.73 -28.99
N LEU C 92 -38.23 -6.02 -30.12
CA LEU C 92 -37.20 -4.99 -30.20
C LEU C 92 -37.94 -3.69 -30.18
N ALA C 93 -37.37 -2.65 -29.56
CA ALA C 93 -37.99 -1.32 -29.59
C ALA C 93 -37.00 -0.17 -29.64
N THR C 94 -37.47 0.92 -30.22
CA THR C 94 -36.67 2.12 -30.34
C THR C 94 -37.55 3.25 -30.79
N GLY C 95 -36.98 4.43 -31.04
CA GLY C 95 -37.80 5.56 -31.45
C GLY C 95 -37.29 6.94 -31.10
N LYS C 96 -38.14 7.92 -31.40
CA LYS C 96 -37.72 9.32 -31.28
C LYS C 96 -37.29 9.49 -29.87
N GLY C 97 -36.13 10.11 -29.67
CA GLY C 97 -35.71 10.38 -28.32
C GLY C 97 -35.34 9.12 -27.53
N LEU C 98 -35.22 7.95 -28.16
CA LEU C 98 -34.84 6.77 -27.34
C LEU C 98 -33.45 6.28 -27.66
N GLY C 99 -32.64 6.02 -26.62
CA GLY C 99 -31.27 5.63 -26.83
C GLY C 99 -30.37 6.59 -27.57
N VAL C 100 -29.23 6.08 -28.01
CA VAL C 100 -28.23 6.99 -28.53
C VAL C 100 -28.64 7.65 -29.86
N LEU C 101 -29.47 6.98 -30.67
CA LEU C 101 -29.75 7.52 -32.01
C LEU C 101 -31.15 8.14 -31.98
N GLY C 102 -31.68 8.40 -30.77
CA GLY C 102 -33.06 8.95 -30.57
C GLY C 102 -33.21 10.21 -31.39
N ASN C 103 -32.14 11.01 -31.54
CA ASN C 103 -32.24 12.19 -32.34
C ASN C 103 -32.48 11.96 -33.84
N LEU C 104 -32.42 10.70 -34.33
CA LEU C 104 -32.46 10.49 -35.81
C LEU C 104 -33.81 9.89 -36.19
N MET C 105 -34.67 9.71 -35.22
CA MET C 105 -35.88 8.99 -35.46
C MET C 105 -37.13 9.80 -35.06
N GLU C 106 -38.28 9.50 -35.67
CA GLU C 106 -39.52 10.12 -35.32
C GLU C 106 -40.47 9.00 -34.89
N GLY C 107 -41.47 9.24 -34.05
CA GLY C 107 -42.31 8.12 -33.66
C GLY C 107 -41.68 7.01 -32.80
N LEU C 108 -42.39 5.89 -32.67
CA LEU C 108 -42.05 4.74 -31.79
C LEU C 108 -41.96 3.51 -32.62
N TYR C 109 -41.07 2.59 -32.34
CA TYR C 109 -41.03 1.38 -33.13
C TYR C 109 -40.91 0.12 -32.32
N SER C 110 -41.67 -0.90 -32.72
CA SER C 110 -41.55 -2.21 -32.12
C SER C 110 -41.58 -3.25 -33.21
N LYS C 111 -40.81 -4.30 -33.05
CA LYS C 111 -40.89 -5.44 -33.97
C LYS C 111 -40.80 -6.67 -33.09
N VAL C 112 -41.69 -7.64 -33.31
CA VAL C 112 -41.60 -8.95 -32.63
C VAL C 112 -40.76 -9.84 -33.51
N VAL C 113 -39.70 -10.45 -32.97
CA VAL C 113 -38.91 -11.39 -33.77
C VAL C 113 -38.94 -12.81 -33.25
N ASP C 114 -38.73 -13.75 -34.13
CA ASP C 114 -38.72 -15.12 -33.69
C ASP C 114 -37.36 -15.46 -33.16
N ILE C 115 -37.37 -16.34 -32.17
CA ILE C 115 -36.17 -17.04 -31.72
C ILE C 115 -36.32 -18.52 -32.06
N LYS C 116 -35.42 -19.06 -32.87
CA LYS C 116 -35.63 -20.41 -33.40
C LYS C 116 -34.29 -21.14 -33.45
N ASP C 117 -34.29 -22.38 -32.98
CA ASP C 117 -33.03 -23.11 -32.88
C ASP C 117 -31.90 -22.22 -32.32
N GLY C 118 -32.18 -21.55 -31.23
CA GLY C 118 -31.18 -20.76 -30.51
C GLY C 118 -30.61 -19.51 -31.19
N LYS C 119 -31.37 -18.94 -32.12
CA LYS C 119 -30.97 -17.76 -32.89
C LYS C 119 -32.09 -16.73 -33.02
N VAL C 120 -31.76 -15.46 -32.83
CA VAL C 120 -32.73 -14.41 -33.01
C VAL C 120 -32.78 -14.07 -34.49
N ILE C 121 -33.90 -14.34 -35.17
CA ILE C 121 -34.03 -14.04 -36.61
C ILE C 121 -34.33 -12.56 -36.80
N PHE C 122 -33.26 -11.77 -36.83
CA PHE C 122 -33.38 -10.31 -36.85
C PHE C 122 -34.02 -9.82 -38.13
N ASN C 123 -33.50 -10.36 -39.21
CA ASN C 123 -34.11 -10.29 -40.51
C ASN C 123 -33.75 -11.54 -41.34
N GLU C 124 -34.12 -11.54 -42.61
CA GLU C 124 -33.85 -12.66 -43.46
C GLU C 124 -32.33 -12.95 -43.61
N LYS C 125 -31.45 -11.97 -43.29
CA LYS C 125 -30.00 -12.19 -43.47
C LYS C 125 -29.23 -12.49 -42.20
N LEU C 126 -29.72 -12.05 -41.03
CA LEU C 126 -29.03 -12.34 -39.79
C LEU C 126 -29.83 -13.24 -38.84
N ALA C 127 -29.28 -14.41 -38.54
CA ALA C 127 -29.75 -15.23 -37.44
C ALA C 127 -28.71 -15.10 -36.30
N LEU C 128 -29.08 -14.48 -35.18
CA LEU C 128 -28.05 -14.09 -34.20
C LEU C 128 -28.14 -14.99 -32.96
N PRO C 129 -27.06 -15.75 -32.66
CA PRO C 129 -27.11 -16.70 -31.54
C PRO C 129 -27.53 -15.99 -30.21
N VAL C 130 -28.42 -16.58 -29.46
CA VAL C 130 -28.85 -15.96 -28.18
C VAL C 130 -27.71 -15.89 -27.23
N LYS C 131 -27.69 -14.86 -26.36
CA LYS C 131 -26.84 -14.86 -25.18
C LYS C 131 -27.74 -14.35 -24.08
N PRO C 132 -28.58 -15.21 -23.51
CA PRO C 132 -29.55 -14.74 -22.52
C PRO C 132 -28.89 -14.11 -21.32
N MET C 133 -29.53 -13.06 -20.84
CA MET C 133 -29.01 -12.29 -19.68
C MET C 133 -30.23 -11.71 -18.95
N ILE C 134 -30.03 -11.28 -17.69
CA ILE C 134 -31.07 -10.70 -16.89
C ILE C 134 -30.82 -9.18 -16.72
N GLY C 135 -31.78 -8.36 -17.18
CA GLY C 135 -31.51 -6.94 -17.24
C GLY C 135 -31.78 -6.29 -15.89
N VAL C 136 -32.80 -6.75 -15.17
CA VAL C 136 -33.20 -6.15 -13.90
C VAL C 136 -33.09 -7.15 -12.83
N ILE C 137 -32.17 -6.91 -11.95
CA ILE C 137 -32.13 -7.74 -10.77
C ILE C 137 -31.55 -6.93 -9.63
N GLY C 138 -32.14 -7.05 -8.41
CA GLY C 138 -31.57 -6.31 -7.28
C GLY C 138 -32.33 -6.58 -6.00
N VAL C 139 -31.95 -5.88 -4.92
CA VAL C 139 -32.54 -6.05 -3.59
C VAL C 139 -33.14 -4.69 -3.23
N ALA C 140 -33.84 -4.55 -2.13
CA ALA C 140 -34.50 -3.26 -1.82
C ALA C 140 -33.45 -2.24 -1.28
N PRO C 141 -33.56 -0.98 -1.67
CA PRO C 141 -32.59 -0.04 -1.15
C PRO C 141 -33.01 0.33 0.25
N LYS C 142 -32.08 0.90 0.98
CA LYS C 142 -32.30 1.05 2.42
C LYS C 142 -33.50 1.90 2.59
N GLU C 143 -33.70 2.81 1.64
CA GLU C 143 -34.75 3.84 1.85
C GLU C 143 -35.58 4.20 0.60
N GLY C 144 -36.79 4.73 0.82
CA GLY C 144 -37.59 5.33 -0.27
C GLY C 144 -38.13 4.28 -1.25
N SER C 145 -37.91 4.48 -2.53
CA SER C 145 -38.50 3.61 -3.57
C SER C 145 -37.93 3.96 -4.97
N ILE C 146 -37.27 3.03 -5.68
CA ILE C 146 -36.82 3.34 -7.04
C ILE C 146 -37.44 2.36 -8.01
N ASN C 147 -38.23 2.95 -8.91
CA ASN C 147 -38.64 2.28 -10.15
C ASN C 147 -37.68 1.17 -10.61
N CYS C 148 -38.21 -0.02 -10.89
CA CYS C 148 -37.39 -1.13 -11.44
C CYS C 148 -36.48 -0.66 -12.54
N GLY C 149 -36.84 0.43 -13.20
CA GLY C 149 -36.02 0.92 -14.29
C GLY C 149 -34.85 1.85 -13.93
N THR C 150 -34.64 2.20 -12.65
CA THR C 150 -33.46 3.02 -12.29
C THR C 150 -32.37 2.23 -11.45
N PRO C 151 -31.20 2.00 -12.01
CA PRO C 151 -30.25 1.15 -11.29
C PRO C 151 -29.60 1.90 -10.09
N GLY C 152 -29.08 1.19 -9.09
CA GLY C 152 -28.41 1.85 -7.96
C GLY C 152 -27.50 0.85 -7.23
N SER C 153 -27.07 1.22 -6.01
CA SER C 153 -26.24 0.41 -5.19
C SER C 153 -26.94 -0.98 -4.88
N HIS C 154 -28.25 -0.99 -4.97
CA HIS C 154 -29.04 -2.22 -4.67
C HIS C 154 -29.24 -3.10 -5.94
N GLY C 155 -28.67 -2.68 -7.11
CA GLY C 155 -28.88 -3.36 -8.42
C GLY C 155 -30.07 -2.74 -9.14
N GLY C 156 -31.00 -3.53 -9.66
CA GLY C 156 -32.12 -2.88 -10.35
C GLY C 156 -31.78 -3.00 -11.85
N ASN C 157 -32.12 -1.97 -12.58
CA ASN C 157 -31.98 -1.96 -14.05
C ASN C 157 -30.53 -1.71 -14.56
N MET C 158 -29.66 -2.71 -14.48
CA MET C 158 -28.24 -2.52 -14.73
C MET C 158 -27.93 -2.92 -16.17
N ASP C 159 -28.87 -3.63 -16.81
CA ASP C 159 -28.68 -4.15 -18.18
C ASP C 159 -27.22 -4.50 -18.44
N THR C 160 -26.71 -5.39 -17.65
CA THR C 160 -25.31 -5.84 -17.75
C THR C 160 -25.18 -7.22 -18.30
N THR C 161 -24.50 -7.37 -19.46
CA THR C 161 -24.45 -8.64 -20.20
C THR C 161 -23.81 -9.80 -19.42
N LEU C 162 -22.92 -9.53 -18.46
CA LEU C 162 -22.26 -10.57 -17.73
C LEU C 162 -23.29 -11.33 -16.82
N ILE C 163 -24.46 -10.75 -16.56
CA ILE C 163 -25.42 -11.47 -15.67
C ILE C 163 -26.23 -12.40 -16.55
N ALA C 164 -25.72 -13.64 -16.57
CA ALA C 164 -25.98 -14.64 -17.53
C ALA C 164 -25.82 -16.01 -16.82
N GLU C 165 -26.08 -17.08 -17.50
CA GLU C 165 -25.92 -18.40 -16.83
C GLU C 165 -24.50 -18.63 -16.38
N GLY C 166 -24.26 -19.19 -15.19
CA GLY C 166 -22.87 -19.34 -14.68
C GLY C 166 -22.41 -18.13 -13.86
N ALA C 167 -23.10 -17.04 -13.93
CA ALA C 167 -22.63 -15.86 -13.16
C ALA C 167 -23.10 -15.87 -11.73
N GLU C 168 -22.39 -15.18 -10.81
CA GLU C 168 -22.90 -14.98 -9.44
C GLU C 168 -22.91 -13.48 -9.23
N VAL C 169 -24.03 -12.96 -8.77
CA VAL C 169 -24.12 -11.56 -8.55
C VAL C 169 -24.19 -11.37 -7.05
N TYR C 170 -23.41 -10.42 -6.55
CA TYR C 170 -23.37 -10.11 -5.15
C TYR C 170 -23.98 -8.73 -4.96
N PHE C 171 -24.99 -8.67 -4.12
CA PHE C 171 -25.54 -7.36 -3.77
C PHE C 171 -25.27 -7.04 -2.32
N PRO C 172 -24.93 -5.75 -2.03
CA PRO C 172 -25.09 -5.43 -0.61
C PRO C 172 -26.56 -5.43 -0.15
N VAL C 173 -26.80 -5.81 1.10
CA VAL C 173 -28.18 -5.96 1.60
C VAL C 173 -28.47 -4.73 2.40
N PHE C 174 -29.59 -4.08 2.09
CA PHE C 174 -29.92 -2.87 2.83
C PHE C 174 -31.06 -3.01 3.86
N VAL C 175 -31.88 -4.05 3.71
CA VAL C 175 -33.01 -4.34 4.60
C VAL C 175 -33.11 -5.83 4.92
N GLU C 176 -33.76 -6.12 6.02
CA GLU C 176 -33.97 -7.41 6.54
C GLU C 176 -34.62 -8.26 5.45
N GLY C 177 -34.05 -9.41 5.20
CA GLY C 177 -34.50 -10.35 4.17
C GLY C 177 -34.08 -10.04 2.72
N ALA C 178 -33.29 -8.97 2.55
CA ALA C 178 -32.79 -8.50 1.28
C ALA C 178 -33.86 -8.03 0.32
N LEU C 179 -34.89 -8.87 0.09
CA LEU C 179 -35.96 -8.62 -0.90
C LEU C 179 -35.43 -8.60 -2.36
N LEU C 180 -35.03 -9.77 -2.84
CA LEU C 180 -34.54 -9.91 -4.19
C LEU C 180 -35.71 -9.97 -5.21
N ALA C 181 -35.56 -9.24 -6.31
CA ALA C 181 -36.53 -9.32 -7.39
C ALA C 181 -35.78 -9.26 -8.73
N LEU C 182 -36.34 -9.84 -9.78
CA LEU C 182 -35.64 -9.86 -11.07
C LEU C 182 -36.68 -9.92 -12.20
N GLY C 183 -36.34 -9.30 -13.35
CA GLY C 183 -37.17 -9.33 -14.55
C GLY C 183 -36.34 -8.87 -15.79
N ASP C 184 -37.04 -8.56 -16.88
CA ASP C 184 -36.35 -7.93 -18.04
C ASP C 184 -35.32 -8.83 -18.58
N LEU C 185 -35.66 -10.07 -18.86
CA LEU C 185 -34.67 -10.93 -19.49
C LEU C 185 -34.46 -10.43 -20.93
N HIS C 186 -33.24 -10.66 -21.46
CA HIS C 186 -32.98 -10.42 -22.85
C HIS C 186 -32.47 -11.69 -23.44
N ALA C 187 -32.94 -12.02 -24.64
CA ALA C 187 -32.38 -13.15 -25.38
C ALA C 187 -31.00 -12.76 -25.90
N LEU C 188 -30.79 -11.45 -26.05
CA LEU C 188 -29.62 -10.90 -26.68
C LEU C 188 -29.58 -9.38 -26.47
N MET C 189 -28.39 -8.88 -26.12
CA MET C 189 -28.20 -7.44 -25.90
C MET C 189 -26.73 -7.12 -26.01
N GLY C 190 -26.39 -6.00 -26.62
CA GLY C 190 -25.00 -5.57 -26.68
C GLY C 190 -24.64 -4.56 -25.65
N ASP C 191 -23.37 -4.43 -25.33
CA ASP C 191 -23.07 -3.54 -24.24
C ASP C 191 -23.46 -2.10 -24.71
N GLY C 192 -23.94 -1.29 -23.79
CA GLY C 192 -24.43 0.06 -24.15
C GLY C 192 -25.98 0.09 -24.41
N GLU C 193 -26.49 -1.04 -24.94
CA GLU C 193 -27.95 -1.11 -25.29
C GLU C 193 -28.44 0.16 -26.05
N VAL C 194 -27.67 0.57 -27.05
CA VAL C 194 -27.73 1.94 -27.65
C VAL C 194 -28.99 2.26 -28.42
N GLY C 195 -29.73 1.22 -28.76
CA GLY C 195 -31.08 1.37 -29.38
C GLY C 195 -32.18 1.63 -28.34
N VAL C 196 -31.88 1.37 -27.07
CA VAL C 196 -32.78 1.44 -25.89
C VAL C 196 -33.25 0.06 -25.36
N SER C 197 -33.31 -0.96 -26.24
CA SER C 197 -33.81 -2.27 -25.77
C SER C 197 -32.87 -3.43 -26.16
N GLY C 198 -33.04 -4.60 -25.55
CA GLY C 198 -32.39 -5.79 -26.07
C GLY C 198 -33.52 -6.52 -26.81
N VAL C 199 -33.30 -7.80 -27.11
CA VAL C 199 -34.35 -8.66 -27.54
C VAL C 199 -35.17 -9.00 -26.27
N GLU C 200 -36.26 -8.25 -26.04
CA GLU C 200 -36.97 -8.32 -24.76
C GLU C 200 -37.86 -9.59 -24.75
N VAL C 201 -37.65 -10.49 -23.79
CA VAL C 201 -38.32 -11.79 -23.77
C VAL C 201 -38.84 -12.09 -22.34
N ALA C 202 -39.93 -12.91 -22.26
CA ALA C 202 -40.41 -13.54 -21.03
C ALA C 202 -39.52 -14.78 -20.87
N GLY C 203 -39.34 -15.31 -19.66
CA GLY C 203 -38.58 -16.58 -19.54
C GLY C 203 -38.55 -17.06 -18.10
N LYS C 204 -37.54 -17.84 -17.72
CA LYS C 204 -37.45 -18.45 -16.40
C LYS C 204 -36.02 -18.57 -16.01
N VAL C 205 -35.73 -18.28 -14.73
CA VAL C 205 -34.35 -18.20 -14.23
C VAL C 205 -34.31 -19.17 -13.08
N LEU C 206 -33.52 -20.25 -13.20
CA LEU C 206 -33.16 -21.05 -12.05
C LEU C 206 -32.00 -20.38 -11.28
N LEU C 207 -32.20 -19.93 -10.04
CA LEU C 207 -31.09 -19.33 -9.31
C LEU C 207 -31.04 -19.89 -7.92
N GLU C 208 -29.95 -19.65 -7.23
CA GLU C 208 -29.84 -20.02 -5.84
C GLU C 208 -29.41 -18.82 -5.03
N VAL C 209 -29.89 -18.77 -3.78
CA VAL C 209 -29.48 -17.63 -2.94
C VAL C 209 -28.67 -18.04 -1.74
N GLU C 210 -27.62 -17.28 -1.38
CA GLU C 210 -26.92 -17.44 -0.16
C GLU C 210 -26.67 -16.13 0.53
N VAL C 211 -26.73 -16.15 1.85
CA VAL C 211 -26.39 -14.96 2.63
C VAL C 211 -24.88 -15.04 2.98
N ILE C 212 -24.14 -13.96 2.70
CA ILE C 212 -22.73 -13.79 3.16
C ILE C 212 -22.69 -12.77 4.28
N LYS C 213 -22.09 -13.19 5.38
CA LYS C 213 -21.90 -12.36 6.57
C LYS C 213 -20.59 -11.62 6.67
N GLY C 214 -19.55 -12.13 6.11
CA GLY C 214 -18.31 -11.39 6.46
C GLY C 214 -17.89 -10.18 5.63
N LEU C 215 -18.75 -9.64 4.78
CA LEU C 215 -18.24 -8.95 3.57
C LEU C 215 -18.96 -7.66 3.30
N ASN C 216 -18.21 -6.55 3.13
CA ASN C 216 -18.83 -5.22 3.01
C ASN C 216 -18.74 -4.87 1.51
N LEU C 217 -19.88 -4.54 0.87
CA LEU C 217 -19.88 -4.11 -0.55
C LEU C 217 -20.63 -2.78 -0.60
N LYS C 218 -20.29 -1.94 -1.54
CA LYS C 218 -20.96 -0.63 -1.65
C LYS C 218 -21.82 -0.66 -2.87
N ASN C 219 -21.59 -1.66 -3.68
CA ASN C 219 -22.28 -1.69 -4.94
C ASN C 219 -22.26 -3.14 -5.42
N PRO C 220 -23.08 -3.46 -6.44
CA PRO C 220 -23.05 -4.84 -6.86
C PRO C 220 -21.73 -5.30 -7.48
N VAL C 221 -21.53 -6.61 -7.46
CA VAL C 221 -20.34 -7.22 -8.03
C VAL C 221 -20.80 -8.43 -8.87
N VAL C 222 -20.28 -8.63 -10.09
CA VAL C 222 -20.69 -9.89 -10.77
C VAL C 222 -19.46 -10.75 -11.01
N LYS C 223 -19.61 -12.08 -10.96
CA LYS C 223 -18.42 -12.84 -11.04
C LYS C 223 -18.73 -13.93 -12.00
N THR C 224 -17.97 -14.04 -13.08
CA THR C 224 -18.26 -15.18 -13.99
C THR C 224 -17.12 -16.19 -13.87
N ALA C 225 -17.16 -17.29 -14.66
CA ALA C 225 -16.07 -18.20 -14.59
C ALA C 225 -14.72 -17.54 -14.88
N GLU C 226 -14.66 -16.38 -15.56
CA GLU C 226 -13.33 -15.81 -15.86
C GLU C 226 -13.04 -14.45 -15.26
N VAL C 227 -14.04 -13.63 -15.02
CA VAL C 227 -13.75 -12.24 -14.55
C VAL C 227 -14.64 -11.95 -13.40
N THR C 228 -14.18 -10.96 -12.61
CA THR C 228 -14.94 -10.42 -11.56
C THR C 228 -15.07 -8.94 -11.87
N ALA C 229 -16.30 -8.41 -11.86
CA ALA C 229 -16.50 -6.92 -12.14
C ALA C 229 -17.30 -6.25 -11.11
N THR C 230 -16.85 -5.09 -10.66
CA THR C 230 -17.67 -4.22 -9.97
C THR C 230 -18.58 -3.42 -10.90
N ILE C 231 -19.80 -3.10 -10.45
CA ILE C 231 -20.76 -2.49 -11.33
C ILE C 231 -21.14 -1.20 -10.62
N ALA C 232 -21.27 -0.13 -11.36
CA ALA C 232 -21.78 1.08 -10.72
C ALA C 232 -22.67 1.86 -11.62
N SER C 233 -23.53 2.74 -11.03
CA SER C 233 -24.38 3.54 -11.88
C SER C 233 -24.34 4.99 -11.45
N ALA C 234 -24.41 5.84 -12.44
CA ALA C 234 -24.36 7.33 -12.13
C ALA C 234 -24.98 8.12 -13.28
N GLU C 235 -25.11 9.41 -13.11
CA GLU C 235 -25.65 10.24 -14.16
C GLU C 235 -24.81 10.31 -15.44
N SER C 236 -23.49 10.09 -15.40
CA SER C 236 -22.63 10.00 -16.59
C SER C 236 -21.85 8.70 -16.51
N LEU C 237 -21.48 8.12 -17.66
CA LEU C 237 -20.52 7.07 -17.71
C LEU C 237 -19.25 7.41 -16.96
N ASP C 238 -18.80 8.64 -17.07
CA ASP C 238 -17.50 8.95 -16.49
C ASP C 238 -17.56 8.73 -15.00
N LYS C 239 -18.65 9.16 -14.37
CA LYS C 239 -18.72 9.08 -12.93
C LYS C 239 -18.99 7.62 -12.52
N ALA C 240 -19.72 6.88 -13.35
CA ALA C 240 -20.01 5.51 -13.09
C ALA C 240 -18.73 4.65 -13.23
N VAL C 241 -17.88 4.97 -14.20
CA VAL C 241 -16.57 4.32 -14.22
C VAL C 241 -15.75 4.65 -13.00
N GLU C 242 -15.71 5.89 -12.65
CA GLU C 242 -14.92 6.26 -11.46
C GLU C 242 -15.35 5.47 -10.21
N ILE C 243 -16.67 5.26 -10.06
CA ILE C 243 -17.19 4.67 -8.85
C ILE C 243 -16.82 3.21 -8.93
N ALA C 244 -17.02 2.59 -10.08
CA ALA C 244 -16.70 1.17 -10.12
C ALA C 244 -15.21 0.87 -9.88
N VAL C 245 -14.36 1.72 -10.40
CA VAL C 245 -12.93 1.48 -10.23
C VAL C 245 -12.55 1.66 -8.76
N HIS C 246 -13.02 2.74 -8.11
CA HIS C 246 -12.76 2.97 -6.72
C HIS C 246 -13.30 1.79 -5.87
N ASP C 247 -14.50 1.27 -6.17
CA ASP C 247 -15.04 0.16 -5.40
C ASP C 247 -14.09 -1.05 -5.55
N MET C 248 -13.55 -1.27 -6.75
CA MET C 248 -12.65 -2.38 -6.88
C MET C 248 -11.33 -2.10 -6.14
N ALA C 249 -10.87 -0.84 -6.15
CA ALA C 249 -9.62 -0.45 -5.48
C ALA C 249 -9.80 -0.73 -4.00
N GLU C 250 -11.00 -0.43 -3.48
CA GLU C 250 -11.27 -0.62 -2.07
C GLU C 250 -11.25 -2.10 -1.66
N LEU C 251 -11.75 -2.97 -2.50
CA LEU C 251 -11.67 -4.41 -2.25
C LEU C 251 -10.23 -4.83 -2.18
N PHE C 252 -9.39 -4.31 -3.09
CA PHE C 252 -7.96 -4.54 -2.93
C PHE C 252 -7.35 -4.01 -1.65
N LYS C 253 -7.72 -2.81 -1.31
CA LYS C 253 -7.21 -2.20 -0.07
C LYS C 253 -7.55 -3.01 1.16
N LYS C 254 -8.66 -3.72 1.14
CA LYS C 254 -9.21 -4.33 2.34
C LYS C 254 -8.81 -5.78 2.38
N HIS C 255 -8.52 -6.35 1.24
CA HIS C 255 -8.33 -7.78 1.23
C HIS C 255 -6.95 -8.22 0.78
N THR C 256 -6.02 -7.29 0.54
CA THR C 256 -4.70 -7.62 0.00
C THR C 256 -3.68 -6.75 0.65
N ASP C 257 -2.40 -7.04 0.45
CA ASP C 257 -1.32 -6.21 0.97
C ASP C 257 -0.71 -5.28 -0.12
N LEU C 258 -1.43 -5.12 -1.19
CA LEU C 258 -0.86 -4.39 -2.35
C LEU C 258 -0.97 -2.89 -2.11
N SER C 259 0.11 -2.17 -2.35
CA SER C 259 0.08 -0.71 -2.19
C SER C 259 -0.85 0.00 -3.16
N THR C 260 -1.22 1.24 -2.87
CA THR C 260 -2.19 1.91 -3.73
C THR C 260 -1.60 2.00 -5.15
N GLU C 261 -0.30 2.33 -5.23
CA GLU C 261 0.39 2.50 -6.50
C GLU C 261 0.38 1.15 -7.23
N GLY C 262 0.61 0.12 -6.46
CA GLY C 262 0.46 -1.26 -6.91
C GLY C 262 -0.89 -1.51 -7.55
N ILE C 263 -1.89 -1.07 -6.82
CA ILE C 263 -3.28 -1.19 -7.27
C ILE C 263 -3.55 -0.46 -8.56
N ALA C 264 -3.16 0.80 -8.59
CA ALA C 264 -3.49 1.65 -9.70
C ALA C 264 -2.81 1.12 -10.96
N THR C 265 -1.52 0.76 -10.85
CA THR C 265 -0.81 0.30 -12.04
C THR C 265 -1.25 -1.13 -12.51
N LEU C 266 -1.57 -2.02 -11.57
CA LEU C 266 -2.08 -3.37 -11.91
C LEU C 266 -3.43 -3.21 -12.69
N PHE C 267 -4.28 -2.30 -12.18
CA PHE C 267 -5.59 -2.15 -12.71
C PHE C 267 -5.37 -1.60 -14.15
N SER C 268 -4.43 -0.67 -14.30
CA SER C 268 -4.14 0.03 -15.56
C SER C 268 -3.80 -0.95 -16.68
N ILE C 269 -3.24 -2.09 -16.31
CA ILE C 269 -2.74 -2.94 -17.27
C ILE C 269 -3.46 -4.31 -17.37
N THR C 270 -4.29 -4.71 -16.38
CA THR C 270 -5.00 -5.97 -16.42
C THR C 270 -6.48 -5.76 -16.18
N GLY C 271 -6.92 -4.54 -15.79
CA GLY C 271 -8.36 -4.37 -15.61
C GLY C 271 -9.00 -3.67 -16.81
N ASN C 272 -10.28 -3.90 -17.02
CA ASN C 272 -10.94 -3.30 -18.15
C ASN C 272 -12.16 -2.53 -17.66
N ALA C 273 -12.13 -1.18 -17.79
CA ALA C 273 -13.35 -0.52 -17.68
C ALA C 273 -14.24 -0.83 -18.92
N GLN C 274 -15.50 -1.17 -18.68
CA GLN C 274 -16.46 -1.46 -19.67
C GLN C 274 -17.82 -0.78 -19.44
N ILE C 275 -18.71 -0.94 -20.40
CA ILE C 275 -19.99 -0.22 -20.34
C ILE C 275 -21.08 -1.26 -20.36
N SER C 276 -22.06 -1.09 -19.51
CA SER C 276 -23.29 -1.94 -19.51
C SER C 276 -24.39 -1.30 -20.28
N GLN C 277 -24.78 -0.08 -19.90
CA GLN C 277 -25.86 0.55 -20.69
C GLN C 277 -25.76 2.04 -20.63
N VAL C 278 -26.11 2.70 -21.72
CA VAL C 278 -26.05 4.14 -21.69
C VAL C 278 -27.36 4.85 -21.87
N VAL C 279 -28.47 4.15 -21.74
CA VAL C 279 -29.69 4.72 -22.17
C VAL C 279 -30.78 4.73 -21.09
N ASP C 280 -30.46 4.36 -19.84
CA ASP C 280 -31.42 4.53 -18.73
C ASP C 280 -31.23 5.88 -18.02
N PRO C 281 -32.09 6.18 -17.04
CA PRO C 281 -31.96 7.59 -16.62
C PRO C 281 -30.64 7.75 -15.85
N LEU C 282 -30.11 6.65 -15.30
CA LEU C 282 -28.68 6.63 -14.90
C LEU C 282 -27.89 5.72 -15.85
N LYS C 283 -26.59 5.95 -16.06
CA LYS C 283 -25.84 5.05 -16.93
C LYS C 283 -25.10 4.05 -16.06
N THR C 284 -24.78 2.89 -16.62
CA THR C 284 -24.22 1.82 -15.81
C THR C 284 -22.90 1.36 -16.45
N ALA C 285 -21.83 1.28 -15.65
CA ALA C 285 -20.53 0.80 -16.16
C ALA C 285 -19.97 -0.26 -15.20
N ARG C 286 -18.80 -0.80 -15.51
CA ARG C 286 -18.24 -1.81 -14.70
C ARG C 286 -16.69 -1.92 -14.81
N PHE C 287 -16.00 -2.43 -13.80
CA PHE C 287 -14.56 -2.53 -13.97
C PHE C 287 -14.25 -4.04 -13.74
N SER C 288 -13.59 -4.65 -14.68
CA SER C 288 -13.52 -6.09 -14.66
C SER C 288 -12.04 -6.47 -14.52
N LEU C 289 -11.77 -7.57 -13.80
CA LEU C 289 -10.42 -8.18 -13.66
C LEU C 289 -10.50 -9.68 -13.81
N PRO C 290 -9.39 -10.26 -14.21
CA PRO C 290 -9.48 -11.68 -14.39
C PRO C 290 -9.52 -12.34 -13.06
N ASN C 291 -10.26 -13.43 -12.92
CA ASN C 291 -10.33 -14.14 -11.59
C ASN C 291 -9.01 -14.51 -10.93
N TRP C 292 -8.05 -14.87 -11.75
CA TRP C 292 -6.85 -15.47 -11.17
C TRP C 292 -5.94 -14.37 -10.49
N ILE C 293 -6.05 -13.14 -10.95
CA ILE C 293 -5.44 -12.05 -10.23
C ILE C 293 -5.99 -11.79 -8.87
N LEU C 294 -7.29 -11.65 -8.74
CA LEU C 294 -7.94 -11.67 -7.43
C LEU C 294 -7.57 -12.84 -6.57
N GLU C 295 -7.61 -14.04 -7.15
CA GLU C 295 -7.26 -15.25 -6.38
C GLU C 295 -5.80 -15.19 -5.84
N SER C 296 -4.88 -14.83 -6.74
CA SER C 296 -3.50 -14.68 -6.35
C SER C 296 -3.36 -13.76 -5.18
N TYR C 297 -4.15 -12.71 -5.16
CA TYR C 297 -4.04 -11.74 -4.08
C TYR C 297 -4.83 -12.16 -2.88
N GLY C 298 -5.48 -13.32 -2.93
CA GLY C 298 -6.27 -13.82 -1.80
C GLY C 298 -7.65 -13.16 -1.67
N ILE C 299 -8.20 -12.61 -2.75
CA ILE C 299 -9.55 -12.05 -2.70
C ILE C 299 -10.61 -13.16 -3.00
N ARG C 300 -11.36 -13.54 -1.97
CA ARG C 300 -12.35 -14.60 -2.08
C ARG C 300 -13.73 -14.15 -1.52
N PHE C 301 -14.75 -14.22 -2.38
CA PHE C 301 -16.11 -13.75 -2.01
C PHE C 301 -16.83 -14.86 -1.26
N SER D 1 2.58 -18.01 51.54
CA SER D 1 1.41 -18.86 51.10
C SER D 1 1.72 -19.48 49.74
N HIS D 2 1.00 -20.55 49.37
CA HIS D 2 1.23 -21.25 48.08
C HIS D 2 -0.08 -21.87 47.53
N MET D 3 -1.09 -21.03 47.45
CA MET D 3 -2.30 -21.40 46.73
C MET D 3 -2.18 -20.92 45.29
N LYS D 4 -2.93 -21.59 44.41
CA LYS D 4 -2.97 -21.23 43.02
C LYS D 4 -4.45 -21.12 42.64
N TYR D 5 -4.82 -19.99 42.00
CA TYR D 5 -6.22 -19.74 41.66
C TYR D 5 -6.26 -19.37 40.20
N SER D 6 -7.42 -19.51 39.57
CA SER D 6 -7.62 -18.93 38.24
C SER D 6 -8.55 -17.73 38.31
N LEU D 7 -8.45 -16.86 37.34
CA LEU D 7 -9.23 -15.66 37.30
C LEU D 7 -9.63 -15.43 35.87
N SER D 8 -10.93 -15.45 35.60
CA SER D 8 -11.35 -15.35 34.24
C SER D 8 -11.47 -13.89 33.81
N ALA D 9 -11.33 -13.69 32.49
CA ALA D 9 -11.37 -12.39 31.85
C ALA D 9 -12.70 -11.63 32.00
N ASP D 10 -13.76 -12.32 32.34
CA ASP D 10 -14.98 -11.56 32.55
C ASP D 10 -14.92 -10.61 33.77
N HIS D 11 -13.96 -10.79 34.69
CA HIS D 11 -13.68 -9.80 35.75
C HIS D 11 -12.64 -8.85 35.24
N HIS D 12 -13.01 -7.67 34.76
CA HIS D 12 -11.97 -6.82 34.14
C HIS D 12 -12.35 -5.38 34.29
N ILE D 13 -11.35 -4.53 34.17
CA ILE D 13 -11.57 -3.12 34.47
C ILE D 13 -11.13 -2.34 33.24
N PHE D 14 -11.61 -1.12 33.11
CA PHE D 14 -11.25 -0.32 31.95
C PHE D 14 -10.35 0.84 32.32
N ALA D 15 -10.29 1.17 33.59
CA ALA D 15 -9.38 2.22 34.03
C ALA D 15 -8.79 1.75 35.37
N PHE D 16 -7.58 2.17 35.69
CA PHE D 16 -7.04 1.86 37.02
C PHE D 16 -7.52 2.87 38.05
N SER D 17 -8.20 2.39 39.08
CA SER D 17 -8.74 3.27 40.06
C SER D 17 -8.82 2.58 41.39
N LYS D 18 -8.67 3.38 42.44
CA LYS D 18 -8.67 2.86 43.80
C LYS D 18 -10.04 2.36 44.13
N GLU D 19 -11.00 2.65 43.25
CA GLU D 19 -12.38 2.42 43.62
C GLU D 19 -12.99 1.12 43.00
N ASN D 20 -12.34 0.51 42.01
CA ASN D 20 -12.74 -0.82 41.51
C ASN D 20 -12.69 -1.89 42.58
N LYS D 21 -13.81 -2.57 42.84
CA LYS D 21 -13.85 -3.65 43.82
C LYS D 21 -12.96 -4.77 43.31
N PRO D 22 -12.21 -5.41 44.20
CA PRO D 22 -11.35 -6.52 43.74
C PRO D 22 -12.17 -7.71 43.28
N ALA D 23 -11.70 -8.34 42.20
CA ALA D 23 -12.29 -9.61 41.69
C ALA D 23 -11.97 -10.84 42.58
N ILE D 24 -10.83 -10.79 43.28
CA ILE D 24 -10.36 -11.94 44.07
C ILE D 24 -9.25 -11.45 44.93
N SER D 25 -9.01 -12.17 46.01
CA SER D 25 -8.00 -11.78 47.01
C SER D 25 -7.07 -12.96 47.21
N VAL D 26 -5.78 -12.65 47.27
CA VAL D 26 -4.74 -13.65 47.42
C VAL D 26 -3.67 -13.24 48.43
N LYS D 27 -2.75 -14.17 48.70
CA LYS D 27 -1.75 -13.86 49.67
C LYS D 27 -0.40 -13.71 48.99
N SER D 28 0.56 -13.14 49.71
CA SER D 28 1.89 -13.09 49.14
C SER D 28 2.42 -14.52 48.92
N GLY D 29 3.08 -14.75 47.77
CA GLY D 29 3.53 -16.10 47.37
C GLY D 29 2.51 -16.90 46.54
N ASP D 30 1.22 -16.57 46.64
CA ASP D 30 0.19 -17.16 45.76
C ASP D 30 0.43 -16.92 44.23
N GLU D 31 -0.03 -17.88 43.44
CA GLU D 31 -0.04 -17.83 42.00
C GLU D 31 -1.46 -17.56 41.46
N LEU D 32 -1.56 -17.01 40.25
CA LEU D 32 -2.83 -16.93 39.53
C LEU D 32 -2.60 -17.23 38.07
N GLU D 33 -3.53 -17.97 37.47
CA GLU D 33 -3.55 -18.15 36.04
C GLU D 33 -4.61 -17.15 35.62
N VAL D 34 -4.17 -16.06 34.94
CA VAL D 34 -5.04 -14.93 34.57
C VAL D 34 -5.44 -15.01 33.10
N GLU D 35 -6.69 -15.29 32.84
CA GLU D 35 -7.09 -15.22 31.45
C GLU D 35 -7.37 -13.75 31.01
N THR D 36 -7.00 -13.39 29.77
CA THR D 36 -7.21 -12.02 29.28
C THR D 36 -8.06 -11.97 28.00
N MET D 37 -8.69 -10.83 27.72
CA MET D 37 -9.24 -10.57 26.39
C MET D 37 -8.26 -9.70 25.64
N ASP D 38 -8.39 -9.64 24.32
CA ASP D 38 -7.38 -8.78 23.67
C ASP D 38 -7.69 -7.30 23.99
N PHE D 40 -8.66 -5.07 22.14
CA PHE D 40 -9.92 -4.53 21.72
C PHE D 40 -10.95 -4.96 22.74
N SER D 41 -11.21 -6.27 22.78
CA SER D 41 -12.12 -6.91 23.71
C SER D 41 -12.68 -8.07 22.84
N ASN D 42 -11.78 -8.58 22.00
CA ASN D 42 -12.10 -9.66 21.06
C ASN D 42 -13.30 -9.25 20.22
N GLN D 43 -13.37 -7.97 19.82
CA GLN D 43 -14.42 -7.52 18.89
C GLN D 43 -14.03 -7.71 17.42
N ILE D 44 -12.73 -7.92 17.17
CA ILE D 44 -12.25 -8.27 15.83
C ILE D 44 -11.71 -9.73 15.81
N GLN D 45 -12.47 -10.62 15.20
CA GLN D 45 -12.00 -11.99 14.95
C GLN D 45 -12.37 -12.36 13.51
N SER D 46 -13.26 -11.55 12.92
CA SER D 46 -13.66 -11.67 11.51
C SER D 46 -12.50 -11.25 10.65
N ASN D 47 -12.21 -9.95 10.64
CA ASN D 47 -11.22 -9.47 9.70
C ASN D 47 -11.93 -9.27 8.38
N GLU D 48 -13.01 -10.04 8.20
CA GLU D 48 -13.74 -10.01 6.94
C GLU D 48 -14.76 -8.87 6.90
N ASP D 49 -15.43 -8.64 8.03
CA ASP D 49 -16.36 -7.53 8.16
C ASP D 49 -16.01 -6.64 9.36
N LYS D 50 -15.36 -7.23 10.36
CA LYS D 50 -14.86 -6.47 11.50
C LYS D 50 -13.90 -5.39 10.99
N LEU D 51 -14.43 -4.46 10.18
CA LEU D 51 -13.75 -3.20 9.84
C LEU D 51 -13.74 -2.39 11.12
N ASP D 52 -12.57 -1.82 11.46
CA ASP D 52 -12.41 -1.01 12.67
C ASP D 52 -13.71 -0.20 12.92
N GLU D 53 -14.10 -0.07 14.18
CA GLU D 53 -15.39 0.53 14.61
C GLU D 53 -16.38 -0.53 15.07
N MET D 54 -16.30 -0.83 16.36
CA MET D 54 -17.12 -1.88 16.96
C MET D 54 -17.69 -1.41 18.33
N ASP D 55 -16.88 -0.65 19.07
CA ASP D 55 -17.23 -0.11 20.41
C ASP D 55 -15.97 0.30 21.21
N TRP D 56 -15.66 1.60 21.23
CA TRP D 56 -14.37 2.11 21.77
C TRP D 56 -14.27 2.36 23.28
N ASN D 57 -15.43 2.45 23.93
CA ASN D 57 -15.62 2.42 25.41
C ASN D 57 -14.83 1.27 26.07
N ARG D 58 -14.40 0.32 25.24
CA ARG D 58 -14.14 -1.04 25.70
C ARG D 58 -12.85 -1.60 25.14
N VAL D 59 -11.86 -0.73 24.96
CA VAL D 59 -10.47 -1.11 24.65
C VAL D 59 -9.62 -1.30 25.92
N ASN D 60 -8.57 -2.11 25.80
CA ASN D 60 -7.71 -2.48 26.93
C ASN D 60 -8.40 -2.94 28.25
N PRO D 61 -9.32 -3.94 28.19
CA PRO D 61 -9.89 -4.52 29.43
C PRO D 61 -8.76 -5.24 30.14
N ALA D 62 -8.50 -4.86 31.38
CA ALA D 62 -7.42 -5.46 32.12
C ALA D 62 -8.11 -6.38 33.12
N THR D 63 -7.79 -7.67 33.03
CA THR D 63 -8.39 -8.69 33.90
C THR D 63 -7.95 -8.40 35.32
N GLY D 64 -8.90 -8.34 36.25
CA GLY D 64 -8.58 -7.86 37.58
C GLY D 64 -9.74 -7.04 38.15
N PRO D 65 -9.49 -6.31 39.26
CA PRO D 65 -8.21 -6.26 39.99
C PRO D 65 -8.04 -7.44 40.94
N ILE D 66 -6.79 -7.75 41.23
CA ILE D 66 -6.42 -8.73 42.26
C ILE D 66 -5.97 -8.00 43.52
N PHE D 67 -6.61 -8.27 44.67
CA PHE D 67 -6.21 -7.67 45.94
C PHE D 67 -5.19 -8.58 46.56
N VAL D 68 -4.06 -8.02 46.96
CA VAL D 68 -3.02 -8.83 47.56
C VAL D 68 -2.90 -8.48 49.04
N GLU D 69 -3.28 -9.42 49.93
CA GLU D 69 -3.18 -9.19 51.38
C GLU D 69 -1.77 -8.93 51.85
N GLY D 70 -1.61 -7.99 52.76
CA GLY D 70 -0.29 -7.55 53.16
C GLY D 70 0.23 -6.31 52.43
N ALA D 71 -0.13 -6.12 51.17
CA ALA D 71 0.48 -4.99 50.47
C ALA D 71 -0.17 -3.74 51.02
N LYS D 72 0.67 -2.79 51.43
CA LYS D 72 0.25 -1.53 52.02
C LYS D 72 0.78 -0.32 51.24
N GLU D 73 0.17 0.83 51.44
CA GLU D 73 0.66 2.00 50.74
C GLU D 73 2.17 2.16 50.96
N GLY D 74 2.96 2.20 49.88
CA GLY D 74 4.41 2.39 50.06
C GLY D 74 5.27 1.13 50.04
N ASP D 75 4.65 -0.05 50.14
CA ASP D 75 5.35 -1.28 49.76
C ASP D 75 5.59 -1.35 48.23
N VAL D 76 6.31 -2.39 47.80
CA VAL D 76 6.44 -2.67 46.39
C VAL D 76 5.75 -4.00 46.16
N LEU D 77 5.13 -4.19 44.98
CA LEU D 77 4.47 -5.47 44.64
C LEU D 77 5.26 -6.11 43.54
N LYS D 78 5.88 -7.25 43.83
CA LYS D 78 6.61 -7.96 42.83
C LYS D 78 5.74 -9.00 42.14
N VAL D 79 5.74 -8.98 40.80
CA VAL D 79 4.92 -9.88 40.05
C VAL D 79 5.79 -10.78 39.17
N LYS D 80 5.99 -12.05 39.52
CA LYS D 80 6.77 -12.95 38.64
C LYS D 80 5.90 -13.43 37.43
N ILE D 81 6.35 -13.18 36.21
CA ILE D 81 5.63 -13.64 35.01
C ILE D 81 6.17 -15.04 34.63
N LYS D 82 5.39 -16.10 34.85
CA LYS D 82 5.94 -17.44 34.70
C LYS D 82 5.64 -18.11 33.38
N LYS D 83 4.39 -18.01 32.93
CA LYS D 83 4.07 -18.50 31.61
C LYS D 83 3.13 -17.49 30.99
N ILE D 84 3.26 -17.30 29.68
CA ILE D 84 2.27 -16.62 28.83
C ILE D 84 1.83 -17.52 27.68
N GLU D 85 0.56 -17.89 27.67
CA GLU D 85 0.00 -18.61 26.54
C GLU D 85 -0.80 -17.70 25.64
N VAL D 86 -0.63 -17.82 24.33
CA VAL D 86 -1.47 -17.02 23.50
C VAL D 86 -2.38 -17.83 22.61
N ALA D 87 -3.41 -17.17 22.13
CA ALA D 87 -4.40 -17.81 21.30
C ALA D 87 -3.77 -18.08 19.92
N GLU D 88 -4.48 -18.79 19.09
CA GLU D 88 -3.96 -19.16 17.81
C GLU D 88 -4.28 -18.18 16.67
N LYS D 89 -5.06 -17.14 16.96
CA LYS D 89 -5.30 -16.04 15.98
C LYS D 89 -4.94 -14.74 16.67
N GLY D 90 -4.43 -13.76 15.94
CA GLY D 90 -4.12 -12.44 16.50
C GLY D 90 -4.60 -11.32 15.61
N VAL D 91 -4.58 -10.10 16.11
CA VAL D 91 -5.03 -8.99 15.31
C VAL D 91 -4.00 -7.91 15.18
N LEU D 92 -3.85 -7.38 13.98
CA LEU D 92 -2.94 -6.28 13.75
C LEU D 92 -3.82 -5.08 13.41
N ALA D 93 -3.47 -3.88 13.88
CA ALA D 93 -4.23 -2.67 13.53
C ALA D 93 -3.36 -1.46 13.27
N THR D 94 -3.78 -0.59 12.35
CA THR D 94 -3.07 0.66 12.19
C THR D 94 -4.03 1.62 11.47
N GLY D 95 -3.56 2.77 11.00
CA GLY D 95 -4.44 3.55 10.15
C GLY D 95 -4.06 5.01 10.20
N LYS D 96 -4.90 5.84 9.60
CA LYS D 96 -4.76 7.31 9.63
C LYS D 96 -4.47 7.82 11.04
N GLY D 97 -3.41 8.61 11.18
CA GLY D 97 -3.05 9.18 12.50
C GLY D 97 -2.60 8.19 13.59
N LEU D 98 -2.45 6.93 13.25
CA LEU D 98 -2.10 5.98 14.30
C LEU D 98 -0.65 5.58 14.15
N GLY D 99 0.17 5.73 15.19
CA GLY D 99 1.56 5.26 15.08
C GLY D 99 2.45 6.23 14.35
N VAL D 100 3.73 5.84 14.20
CA VAL D 100 4.69 6.74 13.49
C VAL D 100 4.33 7.04 12.06
N LEU D 101 3.73 6.08 11.37
CA LEU D 101 3.48 6.33 9.96
C LEU D 101 2.07 6.79 9.69
N GLY D 102 1.40 7.24 10.72
CA GLY D 102 -0.02 7.59 10.61
C GLY D 102 -0.25 8.70 9.63
N ASN D 103 0.76 9.56 9.45
CA ASN D 103 0.65 10.67 8.44
C ASN D 103 0.58 10.22 6.98
N LEU D 104 0.84 8.95 6.69
CA LEU D 104 0.77 8.50 5.31
C LEU D 104 -0.48 7.70 5.07
N MET D 105 -1.30 7.45 6.09
CA MET D 105 -2.39 6.51 5.84
C MET D 105 -3.74 7.13 5.81
N GLU D 106 -4.68 6.41 5.18
CA GLU D 106 -6.05 6.83 5.11
C GLU D 106 -6.99 5.72 5.57
N GLY D 107 -7.95 6.03 6.42
CA GLY D 107 -8.85 5.01 6.91
C GLY D 107 -8.27 4.28 8.10
N LEU D 108 -8.87 3.16 8.45
CA LEU D 108 -8.45 2.42 9.60
C LEU D 108 -8.24 1.02 9.12
N TYR D 109 -7.26 0.33 9.68
CA TYR D 109 -6.87 -0.99 9.17
C TYR D 109 -6.88 -1.99 10.29
N SER D 110 -7.34 -3.19 10.00
CA SER D 110 -7.17 -4.26 10.97
C SER D 110 -7.11 -5.55 10.17
N LYS D 111 -6.38 -6.53 10.67
CA LYS D 111 -6.27 -7.80 9.97
C LYS D 111 -6.10 -8.91 10.98
N VAL D 112 -6.84 -9.99 10.83
CA VAL D 112 -6.61 -11.19 11.64
C VAL D 112 -5.45 -12.03 11.08
N VAL D 113 -4.47 -12.37 11.93
CA VAL D 113 -3.37 -13.23 11.47
C VAL D 113 -3.34 -14.58 12.19
N ASP D 114 -2.88 -15.61 11.49
CA ASP D 114 -2.83 -16.93 12.08
C ASP D 114 -1.64 -17.03 13.02
N ILE D 115 -1.81 -17.76 14.12
CA ILE D 115 -0.59 -18.11 14.87
C ILE D 115 -0.41 -19.62 14.86
N LYS D 116 0.64 -20.09 14.21
CA LYS D 116 0.71 -21.51 13.95
C LYS D 116 2.05 -22.06 14.39
N ASP D 117 2.00 -23.00 15.33
CA ASP D 117 3.24 -23.57 15.85
C ASP D 117 4.32 -22.52 16.10
N GLY D 118 4.00 -21.60 16.99
CA GLY D 118 5.01 -20.69 17.51
C GLY D 118 5.40 -19.53 16.62
N LYS D 119 4.65 -19.35 15.54
CA LYS D 119 4.97 -18.24 14.61
C LYS D 119 3.75 -17.46 14.09
N VAL D 120 3.88 -16.14 14.01
CA VAL D 120 2.85 -15.32 13.45
C VAL D 120 3.03 -15.48 11.93
N ILE D 121 1.98 -15.85 11.25
CA ILE D 121 1.99 -15.93 9.82
C ILE D 121 1.61 -14.53 9.29
N PHE D 122 2.62 -13.71 9.04
CA PHE D 122 2.40 -12.40 8.59
C PHE D 122 2.09 -12.45 7.11
N ASN D 123 2.77 -13.33 6.37
CA ASN D 123 2.43 -13.64 5.00
C ASN D 123 2.88 -15.09 4.60
N GLU D 124 2.62 -15.45 3.36
CA GLU D 124 2.85 -16.84 2.92
C GLU D 124 4.37 -17.14 2.83
N LYS D 125 5.17 -16.07 2.87
CA LYS D 125 6.65 -16.13 2.97
C LYS D 125 7.27 -15.98 4.39
N LEU D 126 6.54 -15.36 5.33
CA LEU D 126 7.10 -14.79 6.56
C LEU D 126 6.41 -15.30 7.83
N ALA D 127 7.03 -16.24 8.50
CA ALA D 127 6.45 -16.82 9.69
C ALA D 127 7.30 -16.34 10.83
N LEU D 128 6.72 -15.57 11.75
CA LEU D 128 7.57 -14.85 12.70
C LEU D 128 7.41 -15.53 14.07
N PRO D 129 8.53 -15.91 14.70
CA PRO D 129 8.55 -16.59 16.01
C PRO D 129 7.91 -15.68 17.08
N VAL D 130 6.95 -16.19 17.86
CA VAL D 130 6.25 -15.40 18.82
C VAL D 130 7.28 -14.97 19.85
N LYS D 131 7.01 -13.84 20.49
CA LYS D 131 7.75 -13.42 21.67
C LYS D 131 6.68 -12.81 22.60
N PRO D 132 5.89 -13.67 23.30
CA PRO D 132 4.75 -13.10 24.05
C PRO D 132 5.11 -12.11 25.13
N MET D 133 4.25 -11.12 25.35
CA MET D 133 4.53 -10.10 26.31
C MET D 133 3.18 -9.60 26.73
N ILE D 134 3.20 -8.82 27.77
CA ILE D 134 1.99 -8.31 28.39
C ILE D 134 2.08 -6.79 28.23
N GLY D 135 1.16 -6.24 27.47
CA GLY D 135 1.22 -4.80 27.21
C GLY D 135 0.80 -3.94 28.37
N VAL D 136 -0.28 -4.31 29.02
CA VAL D 136 -0.96 -3.56 30.06
C VAL D 136 -0.83 -4.32 31.40
N ILE D 137 -0.16 -3.68 32.33
CA ILE D 137 -0.03 -4.26 33.65
C ILE D 137 0.28 -3.18 34.68
N GLY D 138 -0.52 -3.13 35.73
CA GLY D 138 -0.32 -2.11 36.75
C GLY D 138 -1.13 -2.35 38.01
N VAL D 139 -0.89 -1.48 39.00
CA VAL D 139 -1.68 -1.42 40.20
C VAL D 139 -2.54 -0.15 40.16
N ALA D 140 -3.45 0.00 41.12
CA ALA D 140 -4.28 1.20 41.20
C ALA D 140 -3.41 2.37 41.64
N PRO D 141 -3.62 3.54 41.05
CA PRO D 141 -2.81 4.67 41.45
C PRO D 141 -3.39 5.31 42.73
N LYS D 142 -2.95 6.50 43.12
CA LYS D 142 -3.31 7.00 44.45
C LYS D 142 -4.69 7.68 44.52
N GLU D 143 -4.94 8.52 43.51
CA GLU D 143 -6.25 9.16 43.37
C GLU D 143 -6.66 9.17 41.91
N GLY D 144 -7.89 9.57 41.67
CA GLY D 144 -8.36 9.65 40.32
C GLY D 144 -8.35 8.22 39.83
N SER D 145 -8.52 8.08 38.54
CA SER D 145 -8.45 6.81 37.90
C SER D 145 -7.78 7.18 36.62
N ILE D 146 -7.02 6.25 36.04
CA ILE D 146 -6.27 6.50 34.84
C ILE D 146 -6.75 5.48 33.79
N ASN D 147 -7.10 5.99 32.60
CA ASN D 147 -7.54 5.18 31.46
C ASN D 147 -6.64 4.00 31.26
N CYS D 148 -7.25 2.81 31.11
CA CYS D 148 -6.58 1.53 30.78
C CYS D 148 -5.42 1.77 29.80
N GLY D 149 -5.68 2.61 28.80
CA GLY D 149 -4.66 3.00 27.84
C GLY D 149 -3.54 3.98 28.23
N THR D 150 -3.61 4.62 29.41
CA THR D 150 -2.52 5.58 29.86
C THR D 150 -1.53 5.06 30.94
N PRO D 151 -0.23 4.98 30.62
CA PRO D 151 0.70 4.42 31.57
C PRO D 151 1.17 5.47 32.54
N GLY D 152 1.57 5.05 33.75
CA GLY D 152 2.12 5.96 34.74
C GLY D 152 2.97 5.27 35.78
N SER D 153 3.20 5.94 36.90
CA SER D 153 3.93 5.37 38.02
C SER D 153 3.37 4.02 38.52
N HIS D 154 2.04 3.89 38.45
CA HIS D 154 1.34 2.66 38.77
C HIS D 154 1.43 1.54 37.70
N GLY D 155 2.06 1.83 36.57
CA GLY D 155 2.12 0.84 35.50
C GLY D 155 1.02 1.13 34.47
N GLY D 156 0.31 0.08 34.03
CA GLY D 156 -0.70 0.27 32.97
C GLY D 156 -0.21 -0.05 31.60
N ASN D 157 -0.59 0.75 30.60
CA ASN D 157 -0.28 0.48 29.20
C ASN D 157 1.16 0.88 28.87
N MET D 158 2.10 0.02 29.27
CA MET D 158 3.52 0.30 29.13
C MET D 158 4.16 -0.29 27.88
N ASP D 159 3.39 -1.16 27.21
CA ASP D 159 3.82 -1.87 26.03
C ASP D 159 5.35 -2.03 26.06
N THR D 160 5.83 -2.68 27.11
CA THR D 160 7.26 -2.90 27.29
C THR D 160 7.64 -4.36 26.97
N THR D 161 8.52 -4.57 25.98
CA THR D 161 8.82 -5.93 25.50
C THR D 161 9.42 -6.89 26.52
N LEU D 162 10.11 -6.28 27.49
CA LEU D 162 10.78 -6.98 28.54
C LEU D 162 9.78 -7.74 29.41
N ILE D 163 8.50 -7.37 29.39
CA ILE D 163 7.56 -7.98 30.33
C ILE D 163 7.00 -9.22 29.75
N ALA D 164 7.69 -10.32 30.03
CA ALA D 164 7.43 -11.57 29.33
C ALA D 164 7.80 -12.69 30.24
N GLU D 165 7.63 -13.92 29.75
CA GLU D 165 7.94 -15.11 30.55
C GLU D 165 9.31 -14.90 31.10
N GLY D 166 9.51 -15.17 32.40
CA GLY D 166 10.84 -14.99 33.00
C GLY D 166 11.11 -13.60 33.57
N ALA D 167 10.23 -12.63 33.37
CA ALA D 167 10.46 -11.33 33.99
C ALA D 167 9.74 -11.22 35.28
N GLU D 168 10.22 -10.29 36.11
CA GLU D 168 9.58 -9.88 37.36
C GLU D 168 9.36 -8.39 37.23
N VAL D 169 8.13 -7.94 37.41
CA VAL D 169 7.82 -6.50 37.39
C VAL D 169 7.51 -5.99 38.82
N TYR D 170 7.98 -4.80 39.14
CA TYR D 170 7.91 -4.30 40.54
C TYR D 170 7.14 -3.01 40.42
N PHE D 171 6.08 -2.84 41.20
CA PHE D 171 5.30 -1.59 41.18
C PHE D 171 5.33 -1.00 42.59
N PRO D 172 5.45 0.33 42.73
CA PRO D 172 5.12 0.93 44.03
C PRO D 172 3.67 0.59 44.31
N VAL D 173 3.31 0.40 45.58
CA VAL D 173 1.94 0.28 45.92
C VAL D 173 1.43 1.62 46.41
N PHE D 174 0.32 2.09 45.82
CA PHE D 174 -0.30 3.37 46.26
C PHE D 174 -1.58 3.22 47.11
N VAL D 175 -2.11 2.00 47.16
CA VAL D 175 -3.43 1.75 47.76
C VAL D 175 -3.45 0.37 48.43
N GLU D 176 -4.13 0.26 49.55
CA GLU D 176 -4.18 -0.97 50.33
C GLU D 176 -4.53 -2.14 49.43
N GLY D 177 -3.79 -3.24 49.54
CA GLY D 177 -4.05 -4.41 48.68
C GLY D 177 -3.52 -4.35 47.24
N ALA D 178 -2.88 -3.22 46.89
CA ALA D 178 -2.33 -2.97 45.51
C ALA D 178 -3.32 -2.78 44.37
N LEU D 179 -4.15 -3.82 44.15
CA LEU D 179 -5.12 -3.89 43.05
C LEU D 179 -4.46 -4.09 41.71
N LEU D 180 -3.95 -5.30 41.50
CA LEU D 180 -3.22 -5.60 40.29
C LEU D 180 -4.12 -6.07 39.14
N ALA D 181 -3.85 -5.57 37.94
CA ALA D 181 -4.66 -5.94 36.79
C ALA D 181 -3.74 -5.99 35.56
N LEU D 182 -4.15 -6.72 34.52
CA LEU D 182 -3.25 -6.97 33.41
C LEU D 182 -4.08 -7.48 32.21
N GLY D 183 -3.66 -7.09 31.00
CA GLY D 183 -4.26 -7.61 29.78
C GLY D 183 -3.47 -7.12 28.60
N ASP D 184 -4.12 -6.91 27.46
CA ASP D 184 -3.42 -6.39 26.28
C ASP D 184 -2.18 -7.27 25.97
N LEU D 185 -2.39 -8.59 25.91
CA LEU D 185 -1.20 -9.40 25.51
C LEU D 185 -0.89 -9.20 24.06
N HIS D 186 0.41 -9.33 23.73
CA HIS D 186 0.86 -9.40 22.31
C HIS D 186 1.64 -10.67 22.11
N ALA D 187 1.40 -11.32 20.99
CA ALA D 187 2.17 -12.51 20.58
C ALA D 187 3.54 -12.09 20.08
N LEU D 188 3.63 -10.83 19.70
CA LEU D 188 4.90 -10.27 19.17
C LEU D 188 4.73 -8.77 19.00
N MET D 189 5.78 -8.03 19.33
CA MET D 189 5.73 -6.61 19.17
C MET D 189 7.18 -6.12 19.20
N GLY D 190 7.57 -5.18 18.33
CA GLY D 190 8.90 -4.57 18.47
C GLY D 190 8.95 -3.29 19.28
N ASP D 191 10.16 -2.91 19.74
CA ASP D 191 10.22 -1.71 20.62
C ASP D 191 9.75 -0.49 19.87
N GLY D 192 8.94 0.37 20.50
CA GLY D 192 8.43 1.50 19.71
C GLY D 192 6.97 1.28 19.30
N GLU D 193 6.64 0.05 19.00
CA GLU D 193 5.19 -0.23 18.59
C GLU D 193 4.73 0.74 17.51
N VAL D 194 5.62 0.94 16.53
CA VAL D 194 5.57 2.07 15.66
C VAL D 194 4.32 2.08 14.74
N GLY D 195 3.69 0.92 14.50
CA GLY D 195 2.50 0.93 13.66
C GLY D 195 1.26 1.16 14.50
N VAL D 196 1.45 1.26 15.81
CA VAL D 196 0.31 1.36 16.86
C VAL D 196 -0.07 0.09 17.65
N SER D 197 0.13 -1.10 17.12
CA SER D 197 -0.37 -2.27 17.81
C SER D 197 0.71 -3.30 17.77
N GLY D 198 0.53 -4.35 18.59
CA GLY D 198 1.35 -5.52 18.50
C GLY D 198 0.51 -6.51 17.72
N VAL D 199 0.87 -7.77 17.82
CA VAL D 199 -0.02 -8.82 17.38
C VAL D 199 -0.93 -9.07 18.57
N GLU D 200 -2.16 -8.57 18.49
CA GLU D 200 -3.01 -8.50 19.63
C GLU D 200 -3.77 -9.83 19.76
N VAL D 201 -3.62 -10.47 20.90
CA VAL D 201 -4.12 -11.78 21.16
C VAL D 201 -4.76 -11.83 22.54
N ALA D 202 -5.82 -12.63 22.63
CA ALA D 202 -6.26 -13.13 23.95
C ALA D 202 -5.22 -14.15 24.45
N GLY D 203 -5.22 -14.44 25.73
CA GLY D 203 -4.35 -15.50 26.22
C GLY D 203 -4.46 -15.71 27.70
N LYS D 204 -3.45 -16.38 28.29
CA LYS D 204 -3.44 -16.54 29.73
C LYS D 204 -2.05 -16.49 30.34
N VAL D 205 -2.00 -15.88 31.51
CA VAL D 205 -0.71 -15.59 32.16
C VAL D 205 -0.69 -16.27 33.48
N LEU D 206 0.37 -17.06 33.72
CA LEU D 206 0.62 -17.63 35.04
C LEU D 206 1.55 -16.69 35.72
N LEU D 207 1.12 -16.12 36.83
CA LEU D 207 1.99 -15.22 37.55
C LEU D 207 1.94 -15.45 39.02
N GLU D 208 2.91 -14.89 39.71
CA GLU D 208 2.94 -15.04 41.15
C GLU D 208 3.13 -13.64 41.70
N VAL D 209 2.50 -13.33 42.82
CA VAL D 209 2.64 -12.03 43.48
C VAL D 209 3.37 -12.11 44.83
N GLU D 210 4.28 -11.16 45.06
CA GLU D 210 4.98 -10.98 46.35
C GLU D 210 4.95 -9.54 46.82
N VAL D 211 4.67 -9.37 48.10
CA VAL D 211 4.77 -8.08 48.74
C VAL D 211 6.20 -7.84 49.27
N ILE D 212 6.82 -6.75 48.83
CA ILE D 212 8.14 -6.39 49.31
C ILE D 212 8.05 -5.18 50.24
N LYS D 213 8.72 -5.27 51.39
CA LYS D 213 8.77 -4.18 52.38
C LYS D 213 10.13 -3.48 52.47
N GLY D 214 10.08 -2.21 52.87
CA GLY D 214 11.30 -1.44 52.97
C GLY D 214 11.99 -1.27 51.63
N LEU D 215 11.20 -1.02 50.59
CA LEU D 215 11.74 -0.59 49.33
C LEU D 215 10.89 0.57 48.81
N ASN D 216 11.54 1.66 48.38
CA ASN D 216 10.81 2.81 47.87
C ASN D 216 11.02 2.78 46.40
N LEU D 217 9.94 2.77 45.62
CA LEU D 217 9.96 3.01 44.16
C LEU D 217 9.09 4.21 43.72
N LYS D 218 9.52 4.93 42.70
CA LYS D 218 8.77 6.05 42.11
C LYS D 218 8.05 5.61 40.85
N ASN D 219 8.51 4.50 40.24
CA ASN D 219 7.98 4.03 38.94
C ASN D 219 8.23 2.54 38.86
N PRO D 220 7.63 1.86 37.90
CA PRO D 220 7.82 0.41 37.81
C PRO D 220 9.22 0.06 37.45
N VAL D 221 9.58 -1.20 37.70
CA VAL D 221 10.93 -1.69 37.39
C VAL D 221 10.71 -3.06 36.80
N VAL D 222 11.47 -3.41 35.80
CA VAL D 222 11.36 -4.75 35.29
C VAL D 222 12.71 -5.48 35.31
N LYS D 223 12.68 -6.70 35.79
CA LYS D 223 13.90 -7.45 35.97
C LYS D 223 13.82 -8.74 35.20
N THR D 224 14.73 -8.89 34.25
CA THR D 224 14.78 -10.13 33.48
C THR D 224 15.91 -10.93 34.04
N ALA D 225 16.20 -12.04 33.38
CA ALA D 225 17.24 -12.93 33.87
C ALA D 225 18.59 -12.25 33.53
N GLU D 226 18.60 -11.27 32.64
CA GLU D 226 19.86 -10.64 32.31
C GLU D 226 19.99 -9.17 32.77
N VAL D 227 18.87 -8.43 32.82
CA VAL D 227 18.90 -7.00 33.02
C VAL D 227 17.84 -6.55 34.00
N THR D 228 18.10 -5.35 34.54
CA THR D 228 17.10 -4.65 35.36
C THR D 228 16.89 -3.29 34.77
N ALA D 229 15.62 -2.91 34.51
CA ALA D 229 15.36 -1.59 33.90
C ALA D 229 14.25 -0.80 34.63
N THR D 230 14.50 0.48 34.87
CA THR D 230 13.48 1.40 35.39
C THR D 230 12.64 1.88 34.15
N ILE D 231 11.33 2.04 34.35
CA ILE D 231 10.41 2.39 33.27
C ILE D 231 9.77 3.72 33.63
N ALA D 232 9.62 4.56 32.65
CA ALA D 232 8.98 5.82 32.92
C ALA D 232 8.18 6.25 31.69
N SER D 233 7.07 6.92 31.92
CA SER D 233 6.26 7.43 30.86
C SER D 233 6.09 8.94 31.05
N ALA D 234 5.94 9.65 29.95
CA ALA D 234 5.90 11.11 29.96
C ALA D 234 5.48 11.62 28.59
N GLU D 235 5.19 12.90 28.51
CA GLU D 235 4.67 13.40 27.26
C GLU D 235 5.69 13.30 26.13
N SER D 236 6.97 13.23 26.43
CA SER D 236 7.93 13.10 25.31
C SER D 236 8.94 12.04 25.64
N LEU D 237 9.48 11.42 24.62
CA LEU D 237 10.47 10.41 24.81
C LEU D 237 11.64 10.97 25.57
N ASP D 238 12.09 12.15 25.15
CA ASP D 238 13.14 12.86 25.87
C ASP D 238 12.88 12.92 27.38
N LYS D 239 11.66 13.31 27.78
CA LYS D 239 11.38 13.38 29.21
C LYS D 239 11.20 11.98 29.81
N ALA D 240 10.65 11.05 29.04
CA ALA D 240 10.48 9.71 29.63
C ALA D 240 11.87 9.16 30.01
N VAL D 241 12.86 9.24 29.11
CA VAL D 241 14.16 8.65 29.41
C VAL D 241 14.83 9.37 30.58
N GLU D 242 14.64 10.70 30.63
CA GLU D 242 15.22 11.49 31.73
C GLU D 242 14.72 11.03 33.14
N ILE D 243 13.41 10.87 33.27
CA ILE D 243 12.83 10.31 34.48
C ILE D 243 13.36 8.90 34.79
N ALA D 244 13.34 8.04 33.77
CA ALA D 244 13.82 6.68 33.99
C ALA D 244 15.29 6.60 34.50
N VAL D 245 16.19 7.36 33.87
CA VAL D 245 17.60 7.48 34.29
C VAL D 245 17.76 8.06 35.69
N HIS D 246 17.06 9.18 35.98
CA HIS D 246 17.08 9.68 37.34
C HIS D 246 16.49 8.66 38.32
N ASP D 247 15.51 7.83 37.94
CA ASP D 247 14.98 6.89 38.96
C ASP D 247 16.08 5.89 39.26
N MET D 248 16.87 5.52 38.24
CA MET D 248 17.87 4.49 38.47
C MET D 248 18.97 5.08 39.36
N ALA D 249 19.29 6.34 39.09
CA ALA D 249 20.27 7.08 39.86
C ALA D 249 19.89 7.23 41.33
N GLU D 250 18.61 7.51 41.54
CA GLU D 250 18.07 7.68 42.89
C GLU D 250 18.20 6.33 43.60
N LEU D 251 17.94 5.25 42.87
CA LEU D 251 18.11 3.90 43.41
C LEU D 251 19.60 3.74 43.79
N PHE D 252 20.50 4.30 42.99
CA PHE D 252 21.89 4.16 43.36
C PHE D 252 22.25 5.06 44.56
N LYS D 253 21.76 6.30 44.57
CA LYS D 253 22.10 7.20 45.68
C LYS D 253 21.70 6.47 46.96
N LYS D 254 20.52 5.89 46.95
CA LYS D 254 19.91 5.34 48.17
C LYS D 254 20.45 3.97 48.66
N HIS D 255 21.01 3.15 47.78
CA HIS D 255 21.49 1.81 48.16
C HIS D 255 23.01 1.56 48.02
N THR D 256 23.75 2.57 47.55
CA THR D 256 25.15 2.43 47.19
C THR D 256 25.93 3.61 47.80
N ASP D 257 27.26 3.55 47.85
CA ASP D 257 28.04 4.69 48.26
C ASP D 257 28.81 5.28 47.10
N LEU D 258 28.26 5.09 45.92
CA LEU D 258 28.93 5.55 44.74
C LEU D 258 28.51 6.99 44.57
N SER D 259 29.49 7.87 44.40
CA SER D 259 29.22 9.27 44.11
C SER D 259 28.34 9.47 42.84
N THR D 260 27.79 10.67 42.75
CA THR D 260 26.98 11.14 41.65
C THR D 260 27.74 11.07 40.35
N GLU D 261 29.00 11.55 40.34
CA GLU D 261 29.87 11.33 39.18
C GLU D 261 30.11 9.87 38.84
N GLY D 262 30.21 9.02 39.89
CA GLY D 262 30.40 7.61 39.70
C GLY D 262 29.18 7.02 39.00
N ILE D 263 27.99 7.36 39.48
CA ILE D 263 26.71 6.93 38.93
C ILE D 263 26.59 7.36 37.42
N ALA D 264 26.73 8.67 37.15
CA ALA D 264 26.64 9.29 35.80
C ALA D 264 27.50 8.50 34.83
N THR D 265 28.74 8.37 35.20
CA THR D 265 29.77 7.77 34.42
C THR D 265 29.53 6.25 34.21
N LEU D 266 29.22 5.53 35.28
CA LEU D 266 28.82 4.12 35.15
C LEU D 266 27.64 3.87 34.17
N PHE D 267 26.63 4.75 34.22
CA PHE D 267 25.35 4.65 33.59
C PHE D 267 25.61 4.89 32.10
N SER D 268 26.60 5.72 31.85
CA SER D 268 26.86 6.20 30.52
C SER D 268 27.61 5.11 29.81
N ILE D 269 28.38 4.27 30.53
CA ILE D 269 29.17 3.23 29.83
C ILE D 269 28.55 1.85 29.88
N THR D 270 27.66 1.62 30.83
CA THR D 270 27.10 0.26 30.93
C THR D 270 25.56 0.18 31.03
N GLY D 271 24.93 1.36 31.04
CA GLY D 271 23.48 1.47 31.11
C GLY D 271 22.89 1.82 29.75
N ASN D 272 21.68 1.34 29.44
CA ASN D 272 21.15 1.55 28.05
C ASN D 272 19.81 2.24 28.09
N ALA D 273 19.71 3.43 27.54
CA ALA D 273 18.38 4.00 27.40
C ALA D 273 17.66 3.31 26.24
N GLN D 274 16.38 2.96 26.45
CA GLN D 274 15.65 2.22 25.43
C GLN D 274 14.23 2.69 25.30
N ILE D 275 13.57 2.24 24.23
CA ILE D 275 12.23 2.71 23.92
C ILE D 275 11.24 1.57 24.11
N SER D 276 10.13 1.82 24.82
CA SER D 276 9.06 0.85 24.88
C SER D 276 8.03 1.22 23.84
N GLN D 277 7.44 2.40 23.87
CA GLN D 277 6.52 2.73 22.76
C GLN D 277 6.37 4.21 22.59
N VAL D 278 6.16 4.63 21.36
CA VAL D 278 6.12 6.04 21.10
C VAL D 278 4.78 6.48 20.54
N VAL D 279 3.81 5.59 20.59
CA VAL D 279 2.54 5.84 19.92
C VAL D 279 1.36 6.24 20.80
N ASP D 280 1.48 6.09 22.12
CA ASP D 280 0.36 6.43 23.01
C ASP D 280 0.36 7.92 23.38
N PRO D 281 -0.67 8.39 24.09
CA PRO D 281 -0.50 9.83 24.35
C PRO D 281 0.71 10.10 25.30
N LEU D 282 1.02 9.19 26.23
CA LEU D 282 2.33 9.23 26.87
C LEU D 282 3.31 8.27 26.23
N LYS D 283 4.58 8.68 26.10
CA LYS D 283 5.58 7.80 25.49
C LYS D 283 6.21 7.00 26.62
N THR D 284 6.75 5.83 26.36
CA THR D 284 7.29 5.05 27.44
C THR D 284 8.69 4.65 27.08
N ALA D 285 9.64 4.88 27.99
CA ALA D 285 11.03 4.60 27.74
C ALA D 285 11.54 3.87 28.96
N ARG D 286 12.78 3.40 28.87
CA ARG D 286 13.29 2.62 29.99
C ARG D 286 14.82 2.74 30.11
N PHE D 287 15.36 2.43 31.28
CA PHE D 287 16.81 2.55 31.42
C PHE D 287 17.35 1.27 32.02
N SER D 288 18.18 0.58 31.26
CA SER D 288 18.46 -0.80 31.54
C SER D 288 19.91 -0.99 31.92
N LEU D 289 20.13 -1.78 32.97
CA LEU D 289 21.48 -2.13 33.43
C LEU D 289 21.61 -3.64 33.53
N PRO D 290 22.82 -4.20 33.21
CA PRO D 290 22.90 -5.63 33.42
C PRO D 290 22.84 -5.99 34.87
N ASN D 291 22.18 -7.10 35.15
CA ASN D 291 22.02 -7.54 36.52
C ASN D 291 23.34 -7.71 37.31
N TRP D 292 24.36 -8.31 36.69
CA TRP D 292 25.64 -8.47 37.38
C TRP D 292 26.17 -7.15 37.93
N ILE D 293 26.05 -6.06 37.16
CA ILE D 293 26.44 -4.72 37.67
C ILE D 293 25.72 -4.40 38.97
N LEU D 294 24.40 -4.62 39.01
CA LEU D 294 23.61 -4.28 40.21
C LEU D 294 23.97 -5.21 41.37
N GLU D 295 24.21 -6.47 41.06
CA GLU D 295 24.54 -7.34 42.15
C GLU D 295 25.94 -6.87 42.59
N SER D 296 26.78 -6.42 41.66
CA SER D 296 28.16 -6.03 42.08
C SER D 296 28.03 -4.99 43.15
N TYR D 297 27.13 -4.04 42.93
CA TYR D 297 26.94 -2.98 43.90
C TYR D 297 26.05 -3.33 45.06
N GLY D 298 25.57 -4.58 45.13
CA GLY D 298 24.79 -5.05 46.28
C GLY D 298 23.33 -4.66 46.19
N ILE D 299 22.92 -4.16 45.03
CA ILE D 299 21.54 -3.72 44.89
C ILE D 299 20.57 -4.88 44.64
N ARG D 300 19.63 -5.09 45.57
CA ARG D 300 18.86 -6.32 45.67
C ARG D 300 17.37 -5.96 45.65
N PHE D 301 16.69 -6.32 44.58
CA PHE D 301 15.27 -5.98 44.48
C PHE D 301 14.45 -7.05 45.21
#